data_4CPY
#
_entry.id   4CPY
#
_cell.length_a   160.094
_cell.length_b   160.094
_cell.length_c   89.800
_cell.angle_alpha   90.00
_cell.angle_beta   90.00
_cell.angle_gamma   120.00
#
_symmetry.space_group_name_H-M   'P 32 2 1'
#
loop_
_entity.id
_entity.type
_entity.pdbx_description
1 polymer NEURAMINIDASE
2 branched 2-acetamido-2-deoxy-beta-D-glucopyranose-(1-4)-2-acetamido-2-deoxy-beta-D-glucopyranose
3 non-polymer 'CALCIUM ION'
4 non-polymer 2-acetamido-2-deoxy-beta-D-glucopyranose
5 non-polymer '(3R,4R,5S)-4-(acetylamino)-5-amino-3-(pentan-3-yloxy)cyclohex-1-ene-1-carboxylic acid'
6 non-polymer 1,2-ETHANEDIOL
7 water water
#
_entity_poly.entity_id   1
_entity_poly.type   'polypeptide(L)'
_entity_poly.pdbx_seq_one_letter_code
;MLPSTIQTLTLFLTSGGVLLSLYVSALLSYLLYSDILLKFSPTEITAPTMSLDCANASNVQAVNRSATKGVTFLLPEPEW
TYPRLSCPGSTFQKALLISPHRFGETKGNSAPLIIREPFIACGPNECKHFALTHYAAQPGGYYNGTRGDRNKLRHLISVK
LGKIPTVENSIFHMAAWSGSACHDGKEWTYIGVDGPDNDALLKVKYGEAYTDTYHSYANKLLRTQESACNCIGGNCYLMI
TDGSASGVSECRFLKIREGRIIKEIFPTGRVKHTEECTCGFASNKTIECACRDNSYTAKRPFVKLNVETDTAEIRLMCTD
TYLDTPRPDDGSITGPCESNGDKGSGGIKGGFVHQRMESKIGRWYSRTMSKTERMGMGLYVKYDGDPWADSDALAFSGVM
VSMKEPGWYSFGFEIKDKECDVPCIGIEMVHDGGKETWHSAATAIYCLMGSGQLLWDTVTGVDMAL
;
_entity_poly.pdbx_strand_id   A,B
#
loop_
_chem_comp.id
_chem_comp.type
_chem_comp.name
_chem_comp.formula
CA non-polymer 'CALCIUM ION' 'Ca 2'
EDO non-polymer 1,2-ETHANEDIOL 'C2 H6 O2'
G39 non-polymer '(3R,4R,5S)-4-(acetylamino)-5-amino-3-(pentan-3-yloxy)cyclohex-1-ene-1-carboxylic acid' 'C14 H24 N2 O4'
NAG D-saccharide, beta linking 2-acetamido-2-deoxy-beta-D-glucopyranose 'C8 H15 N O6'
#
# COMPACT_ATOMS: atom_id res chain seq x y z
N GLU A 77 2.56 28.17 7.52
CA GLU A 77 2.25 27.62 8.88
C GLU A 77 0.79 27.86 9.25
N PRO A 78 -0.15 27.11 8.62
CA PRO A 78 0.01 26.39 7.35
C PRO A 78 -0.24 27.32 6.16
N GLU A 79 0.28 26.97 4.98
CA GLU A 79 0.10 27.76 3.76
C GLU A 79 -0.92 27.12 2.83
N TRP A 80 -1.47 27.90 1.91
CA TRP A 80 -2.33 27.37 0.85
C TRP A 80 -1.49 26.46 -0.03
N THR A 81 -2.05 25.38 -0.56
CA THR A 81 -1.30 24.56 -1.49
C THR A 81 -1.57 24.96 -2.94
N TYR A 82 -0.61 24.63 -3.79
CA TYR A 82 -0.64 24.87 -5.23
C TYR A 82 -0.19 23.58 -5.90
N PRO A 83 -0.59 23.35 -7.15
CA PRO A 83 -0.01 22.20 -7.86
C PRO A 83 1.48 22.42 -8.10
N ARG A 84 2.27 21.36 -7.92
CA ARG A 84 3.72 21.42 -8.15
C ARG A 84 4.10 20.51 -9.30
N LEU A 85 5.37 20.57 -9.72
CA LEU A 85 5.87 19.63 -10.69
C LEU A 85 5.70 18.20 -10.13
N SER A 86 5.41 17.26 -11.02
CA SER A 86 5.21 15.88 -10.61
C SER A 86 6.56 15.24 -10.26
N CYS A 87 6.52 14.24 -9.42
CA CYS A 87 7.73 13.53 -9.04
C CYS A 87 8.22 12.74 -10.27
N PRO A 88 9.54 12.49 -10.36
CA PRO A 88 10.07 11.75 -11.52
C PRO A 88 9.46 10.35 -11.66
N GLY A 89 9.24 9.91 -12.90
CA GLY A 89 8.73 8.58 -13.22
C GLY A 89 8.21 8.50 -14.64
N SER A 90 8.00 7.28 -15.15
CA SER A 90 7.50 7.10 -16.52
C SER A 90 6.53 5.92 -16.73
N THR A 91 6.19 5.21 -15.65
CA THR A 91 5.16 4.16 -15.72
C THR A 91 4.38 4.14 -14.42
N PHE A 92 3.14 3.68 -14.48
CA PHE A 92 2.36 3.41 -13.28
C PHE A 92 2.64 1.99 -12.82
N GLN A 93 2.39 1.73 -11.54
CA GLN A 93 2.43 0.38 -10.98
C GLN A 93 1.36 0.21 -9.92
N LYS A 94 1.01 -1.04 -9.67
CA LYS A 94 0.05 -1.40 -8.65
C LYS A 94 0.57 -0.98 -7.27
N ALA A 95 -0.26 -0.24 -6.53
CA ALA A 95 0.13 0.33 -5.25
C ALA A 95 -0.60 -0.32 -4.05
N LEU A 96 -1.92 -0.33 -4.08
CA LEU A 96 -2.74 -0.64 -2.92
C LEU A 96 -4.16 -1.04 -3.29
N LEU A 97 -4.69 -2.05 -2.59
CA LEU A 97 -6.07 -2.50 -2.74
C LEU A 97 -6.76 -2.32 -1.40
N ILE A 98 -7.93 -1.70 -1.43
CA ILE A 98 -8.80 -1.68 -0.26
C ILE A 98 -10.01 -2.54 -0.61
N SER A 99 -10.12 -3.71 0.02
CA SER A 99 -11.15 -4.67 -0.33
C SER A 99 -11.88 -5.09 0.96
N PRO A 100 -12.76 -4.21 1.47
CA PRO A 100 -13.43 -4.40 2.76
C PRO A 100 -14.24 -5.70 2.84
N HIS A 101 -14.81 -6.13 1.72
CA HIS A 101 -15.67 -7.30 1.72
C HIS A 101 -14.93 -8.65 1.74
N ARG A 102 -13.60 -8.63 1.70
CA ARG A 102 -12.81 -9.78 2.13
C ARG A 102 -13.11 -10.17 3.58
N PHE A 103 -13.69 -9.25 4.33
CA PHE A 103 -13.97 -9.47 5.75
C PHE A 103 -15.47 -9.51 6.07
N GLY A 104 -16.32 -9.58 5.05
CA GLY A 104 -17.78 -9.55 5.24
C GLY A 104 -18.53 -10.86 5.26
N GLU A 105 -17.81 -11.97 5.46
CA GLU A 105 -18.41 -13.31 5.43
C GLU A 105 -19.34 -13.50 6.62
N THR A 106 -20.38 -14.30 6.43
N THR A 106 -20.38 -14.29 6.44
CA THR A 106 -21.26 -14.67 7.53
CA THR A 106 -21.25 -14.61 7.58
C THR A 106 -20.51 -15.38 8.65
C THR A 106 -20.49 -15.36 8.67
N LYS A 107 -19.45 -16.09 8.27
CA LYS A 107 -18.56 -16.78 9.22
C LYS A 107 -17.61 -15.85 9.98
N GLY A 108 -17.46 -14.60 9.53
CA GLY A 108 -16.53 -13.65 10.11
C GLY A 108 -17.16 -12.80 11.20
N ASN A 109 -16.40 -11.79 11.63
CA ASN A 109 -16.75 -10.92 12.76
C ASN A 109 -16.55 -9.46 12.46
N SER A 110 -16.64 -9.08 11.19
CA SER A 110 -16.41 -7.69 10.79
C SER A 110 -17.64 -7.00 10.19
N ALA A 111 -17.55 -5.68 10.03
CA ALA A 111 -18.66 -4.85 9.58
C ALA A 111 -18.20 -3.81 8.56
N PRO A 112 -17.72 -4.30 7.40
CA PRO A 112 -17.41 -3.41 6.32
C PRO A 112 -18.68 -2.69 5.84
N LEU A 113 -18.57 -1.41 5.58
CA LEU A 113 -19.73 -0.64 5.13
C LEU A 113 -20.00 -0.90 3.65
N ILE A 114 -21.27 -1.00 3.31
CA ILE A 114 -21.72 -1.09 1.93
C ILE A 114 -21.70 0.32 1.33
N ILE A 115 -20.94 0.45 0.24
CA ILE A 115 -20.60 1.72 -0.37
C ILE A 115 -20.63 1.62 -1.91
N ARG A 116 -20.60 2.78 -2.55
CA ARG A 116 -20.23 2.88 -3.95
C ARG A 116 -19.66 4.27 -4.13
N GLU A 117 -19.20 4.56 -5.34
CA GLU A 117 -18.60 5.85 -5.66
C GLU A 117 -17.46 6.25 -4.73
N PRO A 118 -16.47 5.36 -4.56
CA PRO A 118 -15.31 5.75 -3.78
C PRO A 118 -14.44 6.76 -4.53
N PHE A 119 -13.77 7.63 -3.78
CA PHE A 119 -12.66 8.40 -4.34
C PHE A 119 -11.63 8.71 -3.26
N ILE A 120 -10.53 9.35 -3.65
CA ILE A 120 -9.46 9.68 -2.74
C ILE A 120 -9.04 11.13 -2.93
N ALA A 121 -8.78 11.81 -1.83
CA ALA A 121 -8.17 13.15 -1.87
C ALA A 121 -7.11 13.24 -0.79
N CYS A 122 -6.02 13.93 -1.10
CA CYS A 122 -4.91 14.11 -0.18
C CYS A 122 -4.65 15.58 0.12
N GLY A 123 -4.24 15.86 1.35
CA GLY A 123 -3.74 17.17 1.72
C GLY A 123 -2.24 17.06 1.95
N PRO A 124 -1.65 18.07 2.59
CA PRO A 124 -0.20 18.09 2.84
C PRO A 124 0.30 16.96 3.73
N ASN A 125 -0.56 16.43 4.61
CA ASN A 125 -0.16 15.46 5.64
C ASN A 125 -0.79 14.06 5.58
N GLU A 126 -1.98 13.92 4.99
CA GLU A 126 -2.61 12.61 4.87
C GLU A 126 -3.54 12.53 3.68
N CYS A 127 -3.83 11.29 3.25
CA CYS A 127 -4.83 11.01 2.24
C CYS A 127 -6.04 10.40 2.90
N LYS A 128 -7.23 10.73 2.37
CA LYS A 128 -8.47 10.20 2.87
C LYS A 128 -9.20 9.46 1.76
N HIS A 129 -9.78 8.32 2.14
CA HIS A 129 -10.55 7.45 1.26
C HIS A 129 -12.05 7.70 1.54
N PHE A 130 -12.73 8.33 0.57
CA PHE A 130 -14.13 8.75 0.68
C PHE A 130 -15.02 7.74 -0.08
N ALA A 131 -16.27 7.61 0.34
CA ALA A 131 -17.27 6.86 -0.44
C ALA A 131 -18.68 7.28 0.00
N LEU A 132 -19.68 6.83 -0.74
CA LEU A 132 -21.09 7.07 -0.42
C LEU A 132 -21.66 5.75 0.12
N THR A 133 -21.94 5.72 1.42
CA THR A 133 -22.52 4.52 2.04
C THR A 133 -24.03 4.48 1.91
N HIS A 134 -24.59 3.26 1.86
CA HIS A 134 -26.02 3.05 2.07
C HIS A 134 -26.42 2.91 3.57
N TYR A 135 -25.47 3.17 4.46
CA TYR A 135 -25.74 3.18 5.92
C TYR A 135 -26.13 1.77 6.35
N ALA A 136 -25.37 0.81 5.84
CA ALA A 136 -25.64 -0.63 6.01
C ALA A 136 -24.31 -1.38 5.96
N ALA A 137 -24.20 -2.49 6.70
CA ALA A 137 -22.96 -3.28 6.72
C ALA A 137 -23.19 -4.68 6.17
N GLN A 138 -22.09 -5.34 5.81
CA GLN A 138 -22.08 -6.75 5.40
C GLN A 138 -21.21 -7.53 6.41
N PRO A 139 -21.77 -8.57 7.05
CA PRO A 139 -23.17 -9.04 6.92
C PRO A 139 -24.19 -8.16 7.64
N GLY A 140 -25.44 -8.21 7.17
CA GLY A 140 -26.51 -7.42 7.75
C GLY A 140 -27.84 -7.72 7.11
N GLY A 141 -28.84 -6.93 7.51
CA GLY A 141 -30.22 -7.13 7.10
C GLY A 141 -30.81 -6.07 6.20
N TYR A 142 -30.01 -5.09 5.76
CA TYR A 142 -30.50 -3.98 4.94
C TYR A 142 -29.93 -3.95 3.50
N TYR A 143 -29.74 -5.13 2.91
CA TYR A 143 -29.24 -5.22 1.53
C TYR A 143 -30.20 -4.66 0.48
N ASN A 144 -31.50 -4.79 0.77
CA ASN A 144 -32.51 -4.33 -0.18
C ASN A 144 -32.45 -2.80 -0.35
N GLY A 145 -32.23 -2.35 -1.57
CA GLY A 145 -32.02 -0.95 -1.88
C GLY A 145 -30.57 -0.58 -2.13
N THR A 146 -29.62 -1.49 -1.84
CA THR A 146 -28.22 -1.13 -2.01
C THR A 146 -27.77 -1.12 -3.47
N ARG A 147 -28.61 -1.59 -4.39
CA ARG A 147 -28.32 -1.44 -5.82
C ARG A 147 -29.02 -0.21 -6.41
N GLY A 148 -29.55 0.66 -5.54
CA GLY A 148 -30.14 1.93 -5.94
C GLY A 148 -29.18 3.07 -5.71
N ASP A 149 -29.46 4.23 -6.33
CA ASP A 149 -28.58 5.39 -6.22
C ASP A 149 -28.90 6.37 -5.11
N ARG A 150 -30.16 6.74 -5.00
CA ARG A 150 -30.53 7.85 -4.13
C ARG A 150 -31.57 7.42 -3.12
N ASN A 151 -31.34 7.82 -1.87
CA ASN A 151 -32.29 7.60 -0.81
C ASN A 151 -31.94 8.51 0.39
N LYS A 152 -32.77 8.50 1.42
CA LYS A 152 -32.62 9.41 2.57
C LYS A 152 -31.54 8.94 3.56
N LEU A 153 -30.93 7.79 3.31
CA LEU A 153 -29.92 7.25 4.22
C LEU A 153 -28.48 7.41 3.73
N ARG A 154 -28.27 7.63 2.42
CA ARG A 154 -26.91 7.69 1.91
C ARG A 154 -26.14 8.84 2.57
N HIS A 155 -24.87 8.57 2.89
CA HIS A 155 -23.99 9.54 3.55
C HIS A 155 -22.59 9.50 2.96
N LEU A 156 -21.94 10.66 2.90
CA LEU A 156 -20.53 10.71 2.59
C LEU A 156 -19.72 10.27 3.81
N ILE A 157 -18.90 9.23 3.66
CA ILE A 157 -18.00 8.78 4.71
C ILE A 157 -16.55 8.84 4.27
N SER A 158 -15.64 8.80 5.25
CA SER A 158 -14.23 8.62 4.95
C SER A 158 -13.50 7.85 6.05
N VAL A 159 -12.35 7.30 5.66
CA VAL A 159 -11.30 6.85 6.58
C VAL A 159 -9.96 7.39 6.07
N LYS A 160 -8.93 7.34 6.92
CA LYS A 160 -7.56 7.56 6.46
C LYS A 160 -7.22 6.46 5.43
N LEU A 161 -6.59 6.83 4.32
CA LEU A 161 -6.33 5.86 3.25
C LEU A 161 -5.46 4.73 3.81
N GLY A 162 -5.89 3.49 3.60
CA GLY A 162 -5.16 2.32 4.14
C GLY A 162 -5.91 1.64 5.27
N LYS A 163 -6.89 2.32 5.87
CA LYS A 163 -7.77 1.71 6.84
C LYS A 163 -8.96 1.08 6.11
N ILE A 164 -9.48 -0.01 6.68
CA ILE A 164 -10.70 -0.64 6.14
C ILE A 164 -11.91 0.17 6.64
N PRO A 165 -12.78 0.61 5.71
CA PRO A 165 -13.94 1.46 6.05
C PRO A 165 -15.08 0.64 6.64
N THR A 166 -15.01 0.45 7.95
CA THR A 166 -16.00 -0.30 8.68
C THR A 166 -16.91 0.67 9.42
N VAL A 167 -17.92 0.12 10.07
CA VAL A 167 -18.86 0.89 10.90
C VAL A 167 -18.09 1.77 11.89
N GLU A 168 -17.09 1.21 12.55
CA GLU A 168 -16.37 1.96 13.58
C GLU A 168 -15.21 2.80 13.08
N ASN A 169 -14.48 2.31 12.06
CA ASN A 169 -13.33 3.08 11.54
C ASN A 169 -13.77 4.35 10.81
N SER A 170 -14.94 4.28 10.16
CA SER A 170 -15.40 5.39 9.31
C SER A 170 -15.88 6.58 10.12
N ILE A 171 -15.84 7.76 9.51
CA ILE A 171 -16.54 8.93 10.03
C ILE A 171 -17.59 9.35 8.99
N PHE A 172 -18.77 9.68 9.49
CA PHE A 172 -19.90 10.14 8.69
C PHE A 172 -19.89 11.67 8.59
N HIS A 173 -19.61 12.21 7.41
CA HIS A 173 -19.48 13.68 7.24
C HIS A 173 -20.80 14.42 7.07
N MET A 174 -21.68 13.87 6.24
CA MET A 174 -22.99 14.49 5.97
C MET A 174 -23.85 13.55 5.12
N ALA A 175 -25.16 13.77 5.19
CA ALA A 175 -26.11 13.10 4.31
C ALA A 175 -25.83 13.51 2.86
N ALA A 176 -25.68 12.54 1.95
CA ALA A 176 -25.30 12.83 0.58
C ALA A 176 -25.48 11.60 -0.29
N TRP A 177 -26.04 11.79 -1.49
CA TRP A 177 -26.06 10.73 -2.51
C TRP A 177 -25.20 11.08 -3.74
N SER A 178 -24.45 12.18 -3.66
CA SER A 178 -23.39 12.55 -4.62
C SER A 178 -22.37 13.36 -3.83
N GLY A 179 -21.10 13.18 -4.12
CA GLY A 179 -20.06 13.75 -3.26
C GLY A 179 -18.77 14.25 -3.91
N SER A 180 -18.03 15.02 -3.12
CA SER A 180 -16.68 15.47 -3.43
C SER A 180 -15.97 15.95 -2.15
N ALA A 181 -14.66 16.14 -2.23
CA ALA A 181 -13.89 16.68 -1.10
C ALA A 181 -12.49 17.10 -1.59
N CYS A 182 -11.89 18.03 -0.86
CA CYS A 182 -10.55 18.52 -1.19
C CYS A 182 -9.95 19.35 -0.07
N HIS A 183 -8.63 19.33 0.01
CA HIS A 183 -7.90 20.02 1.06
C HIS A 183 -7.21 21.22 0.41
N ASP A 184 -7.31 22.39 1.03
CA ASP A 184 -6.76 23.64 0.44
C ASP A 184 -5.39 24.05 0.98
N GLY A 185 -4.84 23.23 1.86
CA GLY A 185 -3.58 23.50 2.53
C GLY A 185 -3.75 23.76 4.01
N LYS A 186 -4.92 24.26 4.39
CA LYS A 186 -5.24 24.53 5.78
C LYS A 186 -6.34 23.64 6.33
N GLU A 187 -7.35 23.33 5.52
CA GLU A 187 -8.51 22.61 6.01
C GLU A 187 -9.22 21.84 4.88
N TRP A 188 -9.99 20.84 5.29
CA TRP A 188 -10.81 20.03 4.40
C TRP A 188 -12.11 20.74 4.05
N THR A 189 -12.46 20.68 2.77
CA THR A 189 -13.80 21.03 2.31
C THR A 189 -14.52 19.74 1.91
N TYR A 190 -15.74 19.56 2.42
CA TYR A 190 -16.54 18.39 2.10
C TYR A 190 -17.80 18.83 1.36
N ILE A 191 -18.17 18.09 0.33
CA ILE A 191 -19.31 18.44 -0.53
C ILE A 191 -20.27 17.25 -0.58
N GLY A 192 -21.55 17.50 -0.34
CA GLY A 192 -22.56 16.46 -0.42
C GLY A 192 -23.88 16.98 -0.96
N VAL A 193 -24.39 16.34 -2.01
CA VAL A 193 -25.73 16.62 -2.55
C VAL A 193 -26.76 15.63 -2.00
N ASP A 194 -27.85 16.15 -1.45
CA ASP A 194 -29.02 15.33 -1.16
C ASP A 194 -30.29 16.11 -1.46
N GLY A 195 -31.43 15.60 -1.00
CA GLY A 195 -32.70 16.21 -1.30
C GLY A 195 -33.48 15.44 -2.35
N PRO A 196 -34.70 15.92 -2.68
CA PRO A 196 -35.53 15.27 -3.70
C PRO A 196 -34.97 15.51 -5.09
N ASP A 197 -35.26 14.59 -6.01
CA ASP A 197 -34.68 14.65 -7.35
C ASP A 197 -34.92 16.00 -8.04
N ASN A 198 -36.13 16.55 -7.97
CA ASN A 198 -36.45 17.82 -8.66
C ASN A 198 -35.95 19.11 -7.98
N ASP A 199 -35.43 19.04 -6.77
CA ASP A 199 -34.90 20.24 -6.10
C ASP A 199 -33.87 19.81 -5.06
N ALA A 200 -32.82 19.20 -5.56
CA ALA A 200 -31.74 18.69 -4.73
C ALA A 200 -30.84 19.83 -4.31
N LEU A 201 -29.96 19.57 -3.36
CA LEU A 201 -29.22 20.63 -2.70
CA LEU A 201 -29.24 20.62 -2.69
C LEU A 201 -27.78 20.21 -2.42
N LEU A 202 -26.84 21.04 -2.89
CA LEU A 202 -25.42 20.79 -2.66
C LEU A 202 -25.04 21.49 -1.37
N LYS A 203 -24.38 20.78 -0.47
CA LYS A 203 -24.01 21.31 0.84
C LYS A 203 -22.50 21.35 0.97
N VAL A 204 -21.99 22.45 1.54
CA VAL A 204 -20.56 22.62 1.75
C VAL A 204 -20.24 22.64 3.24
N LYS A 205 -19.24 21.86 3.62
CA LYS A 205 -18.78 21.79 4.98
C LYS A 205 -17.30 22.16 4.97
N TYR A 206 -16.87 23.05 5.86
CA TYR A 206 -15.44 23.38 6.02
C TYR A 206 -15.02 22.93 7.43
N GLY A 207 -14.20 21.88 7.49
CA GLY A 207 -13.91 21.25 8.76
C GLY A 207 -15.20 20.68 9.29
N GLU A 208 -15.56 21.07 10.51
CA GLU A 208 -16.78 20.61 11.20
C GLU A 208 -18.01 21.46 10.90
N ALA A 209 -17.82 22.63 10.30
CA ALA A 209 -18.87 23.63 10.12
C ALA A 209 -19.54 23.53 8.74
N TYR A 210 -20.87 23.47 8.75
CA TYR A 210 -21.66 23.58 7.51
C TYR A 210 -21.68 25.05 7.17
N THR A 211 -21.25 25.40 5.95
CA THR A 211 -20.93 26.79 5.61
C THR A 211 -21.70 27.39 4.44
N ASP A 212 -22.18 26.58 3.50
CA ASP A 212 -22.90 27.14 2.36
C ASP A 212 -23.72 26.05 1.66
N THR A 213 -24.60 26.49 0.76
CA THR A 213 -25.31 25.56 -0.11
C THR A 213 -25.49 26.15 -1.50
N TYR A 214 -25.76 25.26 -2.45
CA TYR A 214 -26.05 25.65 -3.83
C TYR A 214 -27.29 24.90 -4.31
N HIS A 215 -28.18 25.60 -5.01
CA HIS A 215 -29.46 25.03 -5.44
C HIS A 215 -29.47 24.42 -6.85
N SER A 216 -30.46 23.55 -7.06
CA SER A 216 -30.76 22.99 -8.37
C SER A 216 -31.13 24.09 -9.34
N TYR A 217 -30.52 24.08 -10.53
CA TYR A 217 -30.78 25.11 -11.52
C TYR A 217 -31.52 24.58 -12.73
N ALA A 218 -31.62 23.26 -12.89
CA ALA A 218 -32.44 22.67 -13.95
C ALA A 218 -33.60 21.85 -13.37
N ASN A 219 -33.64 21.70 -12.05
CA ASN A 219 -34.68 20.95 -11.36
C ASN A 219 -34.87 19.51 -11.87
N LYS A 220 -33.77 18.86 -12.21
CA LYS A 220 -33.88 17.54 -12.80
C LYS A 220 -33.19 16.56 -11.89
N LEU A 221 -31.92 16.80 -11.64
CA LEU A 221 -31.15 16.07 -10.63
C LEU A 221 -29.78 16.71 -10.42
N LEU A 222 -29.67 17.64 -9.48
CA LEU A 222 -28.39 18.28 -9.19
C LEU A 222 -27.40 17.24 -8.65
N ARG A 223 -26.16 17.29 -9.12
CA ARG A 223 -25.17 16.28 -8.75
C ARG A 223 -23.75 16.79 -8.94
N THR A 224 -22.76 16.07 -8.42
CA THR A 224 -21.38 16.54 -8.46
C THR A 224 -20.41 15.43 -8.90
N GLN A 225 -19.12 15.59 -8.63
CA GLN A 225 -18.05 14.84 -9.32
C GLN A 225 -17.92 13.34 -9.00
N GLU A 226 -18.14 12.97 -7.74
CA GLU A 226 -17.73 11.65 -7.21
C GLU A 226 -16.19 11.47 -7.28
N SER A 227 -15.46 12.60 -7.24
CA SER A 227 -14.02 12.59 -7.10
C SER A 227 -13.52 13.91 -6.52
N ALA A 228 -12.22 14.00 -6.25
CA ALA A 228 -11.63 15.15 -5.55
C ALA A 228 -11.90 16.48 -6.22
N CYS A 229 -12.27 17.50 -5.45
CA CYS A 229 -12.21 18.87 -5.96
C CYS A 229 -10.74 19.35 -5.97
N ASN A 230 -10.49 20.54 -6.50
CA ASN A 230 -9.13 21.02 -6.71
C ASN A 230 -8.88 22.45 -6.23
N CYS A 231 -7.93 22.61 -5.30
CA CYS A 231 -7.68 23.90 -4.67
C CYS A 231 -6.31 24.49 -5.06
N ILE A 232 -6.30 25.81 -5.27
CA ILE A 232 -5.10 26.56 -5.58
C ILE A 232 -5.17 27.92 -4.88
N GLY A 233 -4.16 28.22 -4.06
CA GLY A 233 -4.11 29.50 -3.34
C GLY A 233 -5.38 29.78 -2.54
N GLY A 234 -5.99 28.72 -2.01
CA GLY A 234 -7.19 28.82 -1.20
C GLY A 234 -8.49 28.77 -1.96
N ASN A 235 -8.44 28.80 -3.30
CA ASN A 235 -9.67 28.72 -4.09
C ASN A 235 -9.87 27.29 -4.61
N CYS A 236 -10.97 26.66 -4.20
CA CYS A 236 -11.28 25.29 -4.58
C CYS A 236 -12.34 25.28 -5.68
N TYR A 237 -12.07 24.54 -6.73
CA TYR A 237 -12.93 24.48 -7.90
C TYR A 237 -13.63 23.14 -8.00
N LEU A 238 -14.93 23.18 -8.25
CA LEU A 238 -15.78 21.99 -8.21
C LEU A 238 -16.74 21.98 -9.40
N MET A 239 -16.82 20.85 -10.11
CA MET A 239 -17.86 20.67 -11.14
C MET A 239 -19.15 20.23 -10.50
N ILE A 240 -20.23 20.83 -10.95
CA ILE A 240 -21.59 20.40 -10.65
C ILE A 240 -22.38 20.27 -11.96
N THR A 241 -23.45 19.49 -11.96
CA THR A 241 -24.31 19.44 -13.13
C THR A 241 -25.75 19.20 -12.71
N ASP A 242 -26.67 19.40 -13.65
CA ASP A 242 -28.09 19.29 -13.37
C ASP A 242 -28.79 19.06 -14.72
N GLY A 243 -29.72 18.13 -14.75
CA GLY A 243 -30.46 17.81 -15.96
C GLY A 243 -30.75 16.33 -16.07
N SER A 244 -31.38 15.93 -17.18
CA SER A 244 -31.76 14.54 -17.41
C SER A 244 -30.57 13.60 -17.63
N ALA A 245 -30.65 12.43 -17.02
CA ALA A 245 -29.70 11.36 -17.29
C ALA A 245 -29.59 10.96 -18.76
N SER A 246 -30.70 11.05 -19.51
CA SER A 246 -30.73 10.63 -20.91
C SER A 246 -30.96 11.82 -21.86
N GLY A 247 -30.93 13.03 -21.30
CA GLY A 247 -31.07 14.24 -22.09
C GLY A 247 -29.96 15.23 -21.80
N VAL A 248 -30.33 16.50 -21.67
CA VAL A 248 -29.38 17.59 -21.53
C VAL A 248 -28.94 17.75 -20.07
N SER A 249 -27.63 17.86 -19.84
CA SER A 249 -27.10 18.16 -18.50
C SER A 249 -25.94 19.15 -18.64
N GLU A 250 -26.24 20.45 -18.61
CA GLU A 250 -25.24 21.50 -18.79
C GLU A 250 -24.57 21.77 -17.45
N CYS A 251 -23.27 21.48 -17.36
CA CYS A 251 -22.55 21.61 -16.09
C CYS A 251 -22.14 23.05 -15.81
N ARG A 252 -21.72 23.29 -14.57
CA ARG A 252 -21.13 24.55 -14.16
C ARG A 252 -20.00 24.21 -13.21
N PHE A 253 -19.18 25.21 -12.92
CA PHE A 253 -18.14 25.10 -11.92
C PHE A 253 -18.35 26.13 -10.82
N LEU A 254 -18.06 25.72 -9.59
CA LEU A 254 -18.13 26.60 -8.44
C LEU A 254 -16.73 26.89 -7.93
N LYS A 255 -16.50 28.14 -7.54
CA LYS A 255 -15.28 28.56 -6.88
C LYS A 255 -15.62 28.81 -5.41
N ILE A 256 -14.96 28.06 -4.54
CA ILE A 256 -15.28 27.99 -3.11
C ILE A 256 -14.02 28.33 -2.33
N ARG A 257 -14.14 29.25 -1.39
CA ARG A 257 -13.00 29.68 -0.60
C ARG A 257 -13.39 29.61 0.89
N GLU A 258 -12.64 28.85 1.68
CA GLU A 258 -12.98 28.64 3.09
C GLU A 258 -14.46 28.29 3.32
N GLY A 259 -14.98 27.39 2.50
CA GLY A 259 -16.32 26.84 2.69
C GLY A 259 -17.45 27.61 2.05
N ARG A 260 -17.15 28.78 1.47
CA ARG A 260 -18.21 29.61 0.89
C ARG A 260 -18.00 29.83 -0.60
N ILE A 261 -19.11 29.75 -1.34
CA ILE A 261 -19.11 29.90 -2.79
C ILE A 261 -18.89 31.37 -3.15
N ILE A 262 -17.78 31.68 -3.82
CA ILE A 262 -17.48 33.08 -4.15
C ILE A 262 -17.64 33.41 -5.64
N LYS A 263 -17.77 32.39 -6.49
CA LYS A 263 -18.04 32.63 -7.89
C LYS A 263 -18.63 31.42 -8.57
N GLU A 264 -19.52 31.69 -9.52
CA GLU A 264 -20.04 30.72 -10.46
C GLU A 264 -19.29 30.86 -11.79
N ILE A 265 -19.07 29.73 -12.45
CA ILE A 265 -18.41 29.70 -13.73
C ILE A 265 -19.31 28.92 -14.69
N PHE A 266 -19.72 29.60 -15.77
CA PHE A 266 -20.64 29.05 -16.75
C PHE A 266 -19.87 28.69 -18.03
N PRO A 267 -19.65 27.38 -18.29
CA PRO A 267 -18.82 26.99 -19.44
C PRO A 267 -19.39 27.38 -20.83
N THR A 268 -18.51 27.54 -21.80
CA THR A 268 -18.92 27.75 -23.21
C THR A 268 -18.55 26.52 -24.02
N GLY A 269 -19.12 26.41 -25.21
CA GLY A 269 -18.73 25.40 -26.20
C GLY A 269 -19.69 24.22 -26.31
N ARG A 270 -19.13 23.02 -26.28
CA ARG A 270 -19.90 21.78 -26.37
C ARG A 270 -20.39 21.40 -24.98
N VAL A 271 -21.59 21.88 -24.64
CA VAL A 271 -22.09 21.85 -23.28
C VAL A 271 -23.32 20.96 -23.05
N LYS A 272 -23.83 20.29 -24.07
CA LYS A 272 -25.15 19.64 -23.93
C LYS A 272 -25.22 18.49 -22.92
N HIS A 273 -24.11 17.80 -22.63
CA HIS A 273 -24.13 16.84 -21.53
C HIS A 273 -22.73 16.59 -20.97
N THR A 274 -22.55 17.02 -19.72
CA THR A 274 -21.30 16.85 -19.01
C THR A 274 -21.63 16.49 -17.57
N GLU A 275 -21.15 15.33 -17.13
CA GLU A 275 -21.27 14.94 -15.73
C GLU A 275 -20.08 14.13 -15.24
N GLU A 276 -20.03 13.95 -13.93
CA GLU A 276 -19.00 13.16 -13.26
C GLU A 276 -17.58 13.47 -13.73
N CYS A 277 -17.28 14.76 -13.86
CA CYS A 277 -15.94 15.19 -14.24
C CYS A 277 -14.88 14.75 -13.23
N THR A 278 -13.80 14.24 -13.79
CA THR A 278 -12.59 13.92 -13.07
C THR A 278 -11.59 14.99 -13.45
N CYS A 279 -11.18 15.81 -12.47
CA CYS A 279 -10.48 17.06 -12.72
C CYS A 279 -9.15 17.14 -11.99
N GLY A 280 -8.20 17.85 -12.61
CA GLY A 280 -6.86 18.05 -12.04
C GLY A 280 -6.19 19.26 -12.68
N PHE A 281 -5.06 19.67 -12.13
CA PHE A 281 -4.30 20.80 -12.64
C PHE A 281 -3.34 20.40 -13.76
N ALA A 282 -3.49 21.02 -14.93
CA ALA A 282 -2.48 20.96 -16.00
C ALA A 282 -1.31 21.87 -15.66
N SER A 283 -1.59 22.92 -14.87
CA SER A 283 -0.59 23.93 -14.51
C SER A 283 -1.19 24.83 -13.44
N ASN A 284 -0.47 25.88 -13.03
CA ASN A 284 -1.07 26.89 -12.13
C ASN A 284 -2.16 27.74 -12.78
N LYS A 285 -2.24 27.73 -14.11
CA LYS A 285 -3.22 28.53 -14.84
C LYS A 285 -4.48 27.72 -15.20
N THR A 286 -4.36 26.41 -15.29
CA THR A 286 -5.39 25.60 -15.96
C THR A 286 -5.73 24.32 -15.23
N ILE A 287 -7.03 24.14 -14.98
CA ILE A 287 -7.61 22.88 -14.60
C ILE A 287 -8.21 22.22 -15.84
N GLU A 288 -8.02 20.91 -15.97
CA GLU A 288 -8.64 20.14 -17.06
C GLU A 288 -9.48 19.03 -16.45
N CYS A 289 -10.57 18.66 -17.12
CA CYS A 289 -11.39 17.54 -16.67
C CYS A 289 -11.79 16.67 -17.83
N ALA A 290 -11.83 15.36 -17.56
CA ALA A 290 -12.39 14.38 -18.47
C ALA A 290 -13.68 13.83 -17.86
N CYS A 291 -14.77 13.94 -18.62
CA CYS A 291 -16.10 13.78 -18.06
C CYS A 291 -16.93 12.72 -18.77
N ARG A 292 -18.18 12.58 -18.35
CA ARG A 292 -19.10 11.59 -18.89
C ARG A 292 -20.28 12.28 -19.62
N ASP A 293 -20.51 11.85 -20.86
CA ASP A 293 -21.73 12.17 -21.58
C ASP A 293 -22.60 10.92 -21.56
N ASN A 294 -23.63 10.94 -20.72
CA ASN A 294 -24.54 9.79 -20.56
C ASN A 294 -25.60 9.62 -21.64
N SER A 295 -25.66 10.55 -22.60
CA SER A 295 -26.78 10.61 -23.54
C SER A 295 -26.38 10.49 -25.01
N TYR A 296 -25.31 11.18 -25.40
CA TYR A 296 -25.08 11.48 -26.81
C TYR A 296 -23.81 10.92 -27.47
N THR A 297 -22.80 10.56 -26.69
CA THR A 297 -21.53 10.12 -27.25
C THR A 297 -20.75 9.23 -26.30
N ALA A 298 -19.86 8.43 -26.87
CA ALA A 298 -18.84 7.68 -26.12
C ALA A 298 -17.48 8.41 -26.05
N LYS A 299 -17.35 9.53 -26.77
CA LYS A 299 -16.22 10.44 -26.52
C LYS A 299 -16.45 11.11 -25.17
N ARG A 300 -15.38 11.43 -24.44
CA ARG A 300 -15.51 12.17 -23.18
C ARG A 300 -15.48 13.66 -23.43
N PRO A 301 -16.47 14.40 -22.92
CA PRO A 301 -16.33 15.86 -22.85
C PRO A 301 -15.08 16.22 -22.06
N PHE A 302 -14.36 17.24 -22.50
CA PHE A 302 -13.05 17.60 -21.93
C PHE A 302 -13.07 19.08 -21.63
N VAL A 303 -12.98 19.40 -20.34
CA VAL A 303 -13.04 20.78 -19.84
C VAL A 303 -11.65 21.37 -19.73
N LYS A 304 -11.50 22.60 -20.22
CA LYS A 304 -10.37 23.48 -19.92
C LYS A 304 -10.87 24.70 -19.17
N LEU A 305 -10.44 24.83 -17.91
CA LEU A 305 -10.85 25.90 -17.00
C LEU A 305 -9.65 26.75 -16.61
N ASN A 306 -9.71 28.02 -16.98
CA ASN A 306 -8.65 28.97 -16.71
C ASN A 306 -8.92 29.53 -15.34
N VAL A 307 -8.06 29.22 -14.38
CA VAL A 307 -8.26 29.68 -13.00
C VAL A 307 -7.85 31.14 -12.78
N GLU A 308 -7.11 31.74 -13.73
CA GLU A 308 -6.75 33.15 -13.64
C GLU A 308 -7.92 34.05 -14.02
N THR A 309 -8.70 33.63 -15.01
CA THR A 309 -9.83 34.42 -15.51
C THR A 309 -11.19 33.85 -15.08
N ASP A 310 -11.17 32.68 -14.45
CA ASP A 310 -12.39 32.00 -13.99
C ASP A 310 -13.40 31.78 -15.13
N THR A 311 -12.91 31.24 -16.25
CA THR A 311 -13.77 30.87 -17.37
C THR A 311 -13.44 29.47 -17.85
N ALA A 312 -14.43 28.82 -18.46
CA ALA A 312 -14.26 27.45 -18.88
C ALA A 312 -14.85 27.23 -20.26
N GLU A 313 -14.20 26.35 -21.01
CA GLU A 313 -14.69 25.88 -22.31
C GLU A 313 -14.63 24.35 -22.35
N ILE A 314 -15.58 23.75 -23.06
CA ILE A 314 -15.69 22.29 -23.15
C ILE A 314 -15.75 21.90 -24.62
N ARG A 315 -15.00 20.86 -24.99
CA ARG A 315 -15.14 20.21 -26.30
C ARG A 315 -14.95 18.71 -26.08
N LEU A 316 -15.46 17.88 -27.00
CA LEU A 316 -15.21 16.45 -26.91
C LEU A 316 -13.74 16.12 -27.15
N MET A 317 -13.24 15.13 -26.42
CA MET A 317 -11.93 14.54 -26.71
C MET A 317 -11.95 13.96 -28.12
N CYS A 318 -10.96 14.32 -28.95
CA CYS A 318 -10.92 13.86 -30.34
C CYS A 318 -10.27 12.47 -30.52
N THR A 319 -9.61 11.95 -29.49
CA THR A 319 -8.85 10.72 -29.68
C THR A 319 -9.72 9.56 -30.17
N ASP A 320 -9.19 8.80 -31.12
CA ASP A 320 -9.79 7.53 -31.55
C ASP A 320 -10.04 6.55 -30.41
N THR A 321 -9.28 6.70 -29.32
CA THR A 321 -9.37 5.81 -28.15
C THR A 321 -10.51 6.24 -27.21
N TYR A 322 -11.74 5.96 -27.61
CA TYR A 322 -12.91 6.46 -26.87
C TYR A 322 -12.92 5.89 -25.46
N LEU A 323 -13.04 6.77 -24.48
CA LEU A 323 -12.83 6.39 -23.09
C LEU A 323 -14.11 5.99 -22.32
N ASP A 324 -15.30 6.18 -22.91
CA ASP A 324 -16.55 5.85 -22.23
C ASP A 324 -16.87 4.34 -22.36
N THR A 325 -17.84 3.90 -21.56
CA THR A 325 -18.46 2.57 -21.71
C THR A 325 -19.98 2.72 -21.54
N PRO A 326 -20.76 2.31 -22.56
CA PRO A 326 -20.36 1.63 -23.79
C PRO A 326 -19.69 2.54 -24.82
N ARG A 327 -19.12 1.91 -25.84
CA ARG A 327 -18.45 2.64 -26.89
C ARG A 327 -18.37 1.75 -28.13
N PRO A 328 -18.22 2.38 -29.31
CA PRO A 328 -17.95 1.62 -30.53
C PRO A 328 -16.46 1.33 -30.65
N ASP A 329 -16.10 0.58 -31.69
CA ASP A 329 -14.69 0.33 -32.03
C ASP A 329 -13.90 1.63 -32.12
N ASP A 330 -12.66 1.61 -31.65
CA ASP A 330 -11.79 2.79 -31.71
C ASP A 330 -11.66 3.33 -33.14
N GLY A 331 -11.73 4.64 -33.27
CA GLY A 331 -11.58 5.32 -34.55
C GLY A 331 -12.77 5.26 -35.49
N SER A 332 -13.83 4.54 -35.12
CA SER A 332 -14.93 4.26 -36.05
C SER A 332 -15.97 5.40 -36.13
N ILE A 333 -15.86 6.40 -35.27
CA ILE A 333 -16.74 7.56 -35.35
C ILE A 333 -16.23 8.49 -36.42
N THR A 334 -16.95 8.60 -37.53
CA THR A 334 -16.48 9.40 -38.67
C THR A 334 -16.83 10.87 -38.52
N GLY A 335 -16.13 11.71 -39.30
CA GLY A 335 -16.38 13.14 -39.33
C GLY A 335 -15.45 13.90 -38.40
N PRO A 336 -15.68 15.21 -38.22
CA PRO A 336 -14.79 16.04 -37.42
C PRO A 336 -14.79 15.67 -35.93
N CYS A 337 -13.89 16.30 -35.17
CA CYS A 337 -13.67 15.93 -33.77
C CYS A 337 -14.94 15.97 -32.91
N GLU A 338 -15.84 16.89 -33.23
CA GLU A 338 -17.10 17.06 -32.49
C GLU A 338 -18.20 16.03 -32.82
N SER A 339 -17.97 15.16 -33.80
N SER A 339 -17.97 15.16 -33.80
CA SER A 339 -18.95 14.14 -34.14
CA SER A 339 -18.97 14.17 -34.16
C SER A 339 -19.21 13.22 -32.96
C SER A 339 -19.21 13.18 -33.01
N ASN A 340 -20.49 12.91 -32.74
CA ASN A 340 -20.91 12.06 -31.61
C ASN A 340 -20.79 10.56 -31.81
N GLY A 341 -21.18 10.06 -32.98
CA GLY A 341 -21.08 8.63 -33.28
C GLY A 341 -22.09 7.70 -32.59
N ASP A 342 -21.80 6.40 -32.70
CA ASP A 342 -22.62 5.27 -32.22
C ASP A 342 -22.41 4.98 -30.73
N LYS A 343 -23.41 4.37 -30.12
CA LYS A 343 -23.36 3.89 -28.73
C LYS A 343 -23.14 5.00 -27.72
N GLY A 344 -23.73 6.15 -27.98
CA GLY A 344 -23.57 7.31 -27.13
C GLY A 344 -24.31 7.22 -25.81
N SER A 345 -25.49 6.57 -25.79
CA SER A 345 -26.28 6.50 -24.56
CA SER A 345 -26.30 6.48 -24.56
C SER A 345 -25.60 5.59 -23.53
N GLY A 346 -25.70 5.99 -22.26
CA GLY A 346 -25.00 5.29 -21.19
C GLY A 346 -23.64 5.89 -21.00
N GLY A 347 -22.89 5.37 -20.04
CA GLY A 347 -21.61 5.95 -19.72
C GLY A 347 -21.02 5.44 -18.43
N ILE A 348 -19.86 6.00 -18.09
CA ILE A 348 -19.17 5.60 -16.87
C ILE A 348 -18.22 6.73 -16.48
N LYS A 349 -18.03 6.97 -15.17
CA LYS A 349 -17.02 7.95 -14.72
C LYS A 349 -15.62 7.42 -15.00
N GLY A 350 -14.74 8.27 -15.54
CA GLY A 350 -13.42 7.83 -16.00
C GLY A 350 -12.22 8.43 -15.30
N GLY A 351 -11.17 7.62 -15.12
CA GLY A 351 -9.92 8.11 -14.55
C GLY A 351 -9.15 9.03 -15.50
N PHE A 352 -8.51 10.02 -14.91
CA PHE A 352 -7.73 11.05 -15.59
C PHE A 352 -6.84 11.73 -14.55
N VAL A 353 -5.55 11.83 -14.84
CA VAL A 353 -4.60 12.51 -13.95
C VAL A 353 -3.39 13.04 -14.75
N HIS A 354 -2.81 14.16 -14.26
CA HIS A 354 -1.74 14.85 -14.97
C HIS A 354 -0.38 14.49 -14.41
N GLN A 355 0.59 14.39 -15.31
CA GLN A 355 1.99 14.34 -14.93
C GLN A 355 2.63 15.63 -15.44
N ARG A 356 2.92 16.55 -14.53
CA ARG A 356 3.40 17.88 -14.92
C ARG A 356 4.92 17.90 -14.92
N MET A 357 5.51 18.08 -16.10
CA MET A 357 6.96 18.21 -16.20
C MET A 357 7.34 19.64 -16.60
N GLU A 358 8.62 19.94 -16.48
CA GLU A 358 9.16 21.24 -16.82
C GLU A 358 8.65 21.78 -18.18
N SER A 359 8.85 21.01 -19.25
CA SER A 359 8.44 21.46 -20.58
C SER A 359 7.56 20.44 -21.31
N LYS A 360 6.70 19.75 -20.55
CA LYS A 360 5.95 18.62 -21.10
C LYS A 360 4.80 18.25 -20.16
N ILE A 361 3.66 17.85 -20.71
CA ILE A 361 2.52 17.42 -19.88
C ILE A 361 2.11 16.01 -20.29
N GLY A 362 2.03 15.11 -19.32
CA GLY A 362 1.50 13.77 -19.55
C GLY A 362 0.06 13.69 -19.10
N ARG A 363 -0.80 13.07 -19.90
CA ARG A 363 -2.20 12.88 -19.52
C ARG A 363 -2.46 11.39 -19.50
N TRP A 364 -2.79 10.88 -18.31
CA TRP A 364 -3.03 9.48 -18.07
C TRP A 364 -4.53 9.26 -17.89
N TYR A 365 -5.06 8.22 -18.53
CA TYR A 365 -6.49 7.95 -18.53
C TYR A 365 -6.75 6.46 -18.34
N SER A 366 -7.94 6.11 -17.89
CA SER A 366 -8.35 4.70 -17.78
C SER A 366 -9.68 4.45 -18.45
N ARG A 367 -9.85 3.25 -19.00
CA ARG A 367 -11.15 2.81 -19.51
C ARG A 367 -11.29 1.30 -19.34
N THR A 368 -12.52 0.82 -19.33
CA THR A 368 -12.80 -0.59 -19.16
C THR A 368 -12.19 -1.42 -20.28
N MET A 369 -11.90 -2.69 -20.00
CA MET A 369 -11.39 -3.55 -21.06
C MET A 369 -12.51 -3.95 -22.04
N SER A 370 -13.72 -4.21 -21.55
CA SER A 370 -14.86 -4.47 -22.40
C SER A 370 -15.40 -3.16 -22.97
N LYS A 371 -15.78 -3.18 -24.24
CA LYS A 371 -16.39 -2.03 -24.89
C LYS A 371 -17.81 -1.72 -24.39
N THR A 372 -18.50 -2.73 -23.88
CA THR A 372 -19.92 -2.59 -23.55
C THR A 372 -20.26 -2.90 -22.11
N GLU A 373 -19.38 -3.58 -21.37
CA GLU A 373 -19.63 -3.96 -19.97
C GLU A 373 -18.57 -3.38 -19.01
N ARG A 374 -18.94 -3.29 -17.73
CA ARG A 374 -18.05 -2.77 -16.70
C ARG A 374 -17.15 -3.90 -16.19
N MET A 375 -16.28 -4.37 -17.09
CA MET A 375 -15.35 -5.46 -16.81
C MET A 375 -13.95 -5.02 -17.26
N GLY A 376 -13.00 -5.13 -16.34
CA GLY A 376 -11.61 -4.74 -16.57
C GLY A 376 -11.36 -3.24 -16.57
N MET A 377 -10.07 -2.91 -16.60
CA MET A 377 -9.65 -1.51 -16.61
C MET A 377 -8.23 -1.44 -17.15
N GLY A 378 -8.07 -0.69 -18.23
CA GLY A 378 -6.79 -0.49 -18.88
C GLY A 378 -6.31 0.93 -18.67
N LEU A 379 -4.99 1.11 -18.67
CA LEU A 379 -4.37 2.42 -18.50
C LEU A 379 -3.78 2.90 -19.81
N TYR A 380 -3.91 4.20 -20.08
CA TYR A 380 -3.47 4.83 -21.33
C TYR A 380 -2.77 6.15 -21.03
N VAL A 381 -1.91 6.59 -21.96
CA VAL A 381 -1.19 7.83 -21.78
C VAL A 381 -0.91 8.52 -23.12
N LYS A 382 -0.90 9.84 -23.07
CA LYS A 382 -0.38 10.65 -24.19
C LYS A 382 0.25 11.91 -23.64
N TYR A 383 1.41 12.29 -24.19
CA TYR A 383 2.12 13.50 -23.79
C TYR A 383 1.84 14.65 -24.77
N ASP A 384 1.51 15.81 -24.23
CA ASP A 384 1.35 17.08 -24.99
C ASP A 384 0.20 17.01 -26.01
N GLY A 385 0.19 17.92 -26.97
CA GLY A 385 -0.90 18.02 -27.93
C GLY A 385 -2.11 18.71 -27.35
N ASP A 386 -3.18 18.78 -28.16
CA ASP A 386 -4.43 19.38 -27.75
C ASP A 386 -5.49 18.28 -27.80
N PRO A 387 -5.99 17.87 -26.63
CA PRO A 387 -6.97 16.78 -26.61
C PRO A 387 -8.25 17.04 -27.40
N TRP A 388 -8.57 18.32 -27.64
CA TRP A 388 -9.73 18.70 -28.44
C TRP A 388 -9.52 18.49 -29.94
N ALA A 389 -8.27 18.42 -30.36
CA ALA A 389 -7.93 18.45 -31.79
C ALA A 389 -7.23 17.20 -32.34
N ASP A 390 -6.61 16.39 -31.46
CA ASP A 390 -5.78 15.27 -31.87
C ASP A 390 -6.58 13.97 -31.89
N SER A 391 -6.74 13.36 -33.07
CA SER A 391 -7.47 12.10 -33.17
C SER A 391 -6.56 10.90 -32.85
N ASP A 392 -5.27 11.16 -32.68
CA ASP A 392 -4.28 10.12 -32.37
C ASP A 392 -4.71 9.21 -31.23
N ALA A 393 -4.52 7.90 -31.42
CA ALA A 393 -4.80 6.93 -30.37
C ALA A 393 -3.88 7.18 -29.19
N LEU A 394 -4.41 6.96 -27.99
CA LEU A 394 -3.63 7.05 -26.75
C LEU A 394 -2.76 5.80 -26.69
N ALA A 395 -1.60 5.89 -26.05
CA ALA A 395 -0.70 4.73 -25.91
C ALA A 395 -1.20 3.81 -24.81
N PHE A 396 -1.46 2.55 -25.13
CA PHE A 396 -1.90 1.58 -24.12
C PHE A 396 -0.76 1.27 -23.18
N SER A 397 -1.00 1.44 -21.88
CA SER A 397 0.06 1.36 -20.89
C SER A 397 0.00 0.09 -20.04
N GLY A 398 -1.14 -0.59 -19.99
CA GLY A 398 -1.22 -1.90 -19.31
C GLY A 398 -2.58 -2.21 -18.70
N VAL A 399 -2.75 -3.47 -18.33
CA VAL A 399 -3.96 -3.94 -17.71
C VAL A 399 -3.90 -3.77 -16.19
N MET A 400 -4.74 -2.89 -15.66
CA MET A 400 -4.83 -2.70 -14.21
C MET A 400 -5.79 -3.71 -13.59
N VAL A 401 -6.86 -4.01 -14.32
CA VAL A 401 -7.85 -5.01 -13.91
C VAL A 401 -8.18 -5.87 -15.13
N SER A 402 -8.09 -7.18 -14.98
CA SER A 402 -8.38 -8.11 -16.10
CA SER A 402 -8.39 -8.14 -16.06
C SER A 402 -9.84 -8.04 -16.49
N MET A 403 -10.13 -8.37 -17.75
CA MET A 403 -11.54 -8.43 -18.18
C MET A 403 -12.37 -9.46 -17.40
N LYS A 404 -11.75 -10.33 -16.59
CA LYS A 404 -12.50 -11.24 -15.71
C LYS A 404 -13.00 -10.61 -14.39
N GLU A 405 -12.55 -9.41 -14.09
CA GLU A 405 -12.86 -8.74 -12.83
C GLU A 405 -13.69 -7.49 -13.11
N PRO A 406 -14.48 -7.04 -12.12
CA PRO A 406 -15.24 -5.81 -12.33
C PRO A 406 -14.39 -4.55 -12.39
N GLY A 407 -14.74 -3.68 -13.35
CA GLY A 407 -14.12 -2.37 -13.50
C GLY A 407 -15.22 -1.34 -13.69
N TRP A 408 -15.52 -0.58 -12.64
CA TRP A 408 -16.59 0.38 -12.68
C TRP A 408 -16.00 1.82 -12.73
N TYR A 409 -16.32 2.68 -11.77
CA TYR A 409 -15.84 4.05 -11.81
C TYR A 409 -14.33 4.08 -11.64
N SER A 410 -13.68 5.07 -12.23
CA SER A 410 -12.28 5.32 -11.96
C SER A 410 -12.08 6.83 -11.84
N PHE A 411 -11.01 7.20 -11.16
CA PHE A 411 -10.78 8.58 -10.78
C PHE A 411 -9.30 8.85 -10.65
N GLY A 412 -8.91 10.12 -10.75
CA GLY A 412 -7.54 10.51 -10.52
C GLY A 412 -7.39 11.19 -9.18
N PHE A 413 -6.20 11.14 -8.61
CA PHE A 413 -5.86 11.97 -7.46
C PHE A 413 -4.35 12.07 -7.37
N GLU A 414 -3.86 13.03 -6.57
CA GLU A 414 -2.41 13.24 -6.42
C GLU A 414 -2.00 13.22 -4.95
N ILE A 415 -0.87 12.56 -4.67
CA ILE A 415 -0.32 12.50 -3.34
C ILE A 415 0.80 13.54 -3.24
N LYS A 416 0.89 14.22 -2.09
CA LYS A 416 1.93 15.22 -1.87
C LYS A 416 3.19 14.61 -1.22
N ASP A 417 4.24 14.40 -2.02
CA ASP A 417 5.60 14.09 -1.50
C ASP A 417 6.17 15.39 -0.92
N LYS A 418 7.39 15.36 -0.40
CA LYS A 418 7.97 16.56 0.23
C LYS A 418 8.09 17.77 -0.70
N GLU A 419 8.51 17.53 -1.94
CA GLU A 419 8.75 18.63 -2.88
C GLU A 419 8.10 18.44 -4.25
N CYS A 420 7.31 17.39 -4.42
CA CYS A 420 6.67 17.12 -5.71
C CYS A 420 5.38 16.33 -5.51
N ASP A 421 4.58 16.23 -6.59
CA ASP A 421 3.27 15.59 -6.55
C ASP A 421 3.29 14.26 -7.32
N VAL A 422 2.70 13.22 -6.73
CA VAL A 422 2.62 11.89 -7.34
C VAL A 422 1.22 11.61 -7.91
N PRO A 423 1.12 11.43 -9.24
CA PRO A 423 -0.20 11.19 -9.81
C PRO A 423 -0.61 9.72 -9.71
N CYS A 424 -1.88 9.49 -9.40
CA CYS A 424 -2.46 8.17 -9.25
C CYS A 424 -3.83 8.09 -9.90
N ILE A 425 -4.25 6.86 -10.19
CA ILE A 425 -5.60 6.56 -10.63
C ILE A 425 -6.17 5.46 -9.72
N GLY A 426 -7.39 5.72 -9.23
CA GLY A 426 -8.15 4.75 -8.46
C GLY A 426 -9.28 4.11 -9.26
N ILE A 427 -9.60 2.87 -8.90
CA ILE A 427 -10.58 2.09 -9.61
C ILE A 427 -11.59 1.48 -8.63
N GLU A 428 -12.86 1.80 -8.85
CA GLU A 428 -13.96 1.15 -8.13
C GLU A 428 -14.24 -0.21 -8.74
N MET A 429 -14.20 -1.25 -7.91
CA MET A 429 -14.44 -2.63 -8.38
C MET A 429 -15.69 -3.16 -7.70
N VAL A 430 -16.82 -2.97 -8.36
CA VAL A 430 -18.10 -3.28 -7.74
C VAL A 430 -18.37 -4.77 -7.69
N HIS A 431 -18.89 -5.20 -6.53
CA HIS A 431 -19.37 -6.55 -6.34
C HIS A 431 -20.85 -6.54 -6.71
N ASP A 432 -21.17 -7.01 -7.90
CA ASP A 432 -22.54 -6.97 -8.39
C ASP A 432 -23.12 -8.36 -8.53
N GLY A 433 -24.06 -8.65 -7.65
CA GLY A 433 -24.76 -9.92 -7.67
C GLY A 433 -26.24 -9.75 -8.00
N GLY A 434 -26.62 -8.58 -8.50
CA GLY A 434 -28.03 -8.28 -8.78
C GLY A 434 -28.74 -7.73 -7.56
N LYS A 435 -30.05 -7.45 -7.69
CA LYS A 435 -30.75 -6.75 -6.62
C LYS A 435 -31.25 -7.62 -5.48
N GLU A 436 -31.06 -8.94 -5.57
CA GLU A 436 -31.47 -9.86 -4.51
C GLU A 436 -30.36 -10.12 -3.47
N THR A 437 -29.27 -9.37 -3.55
CA THR A 437 -28.18 -9.51 -2.59
C THR A 437 -27.53 -8.15 -2.32
N TRP A 438 -26.50 -8.15 -1.51
CA TRP A 438 -25.75 -6.91 -1.26
C TRP A 438 -25.00 -6.37 -2.48
N HIS A 439 -24.75 -5.07 -2.52
CA HIS A 439 -24.11 -4.39 -3.65
C HIS A 439 -23.13 -3.34 -3.10
N SER A 440 -21.82 -3.53 -3.33
CA SER A 440 -20.78 -2.66 -2.75
C SER A 440 -19.52 -2.73 -3.62
N ALA A 441 -18.40 -2.20 -3.13
CA ALA A 441 -17.19 -2.12 -3.97
C ALA A 441 -15.88 -2.18 -3.20
N ALA A 442 -14.85 -2.67 -3.89
CA ALA A 442 -13.47 -2.52 -3.47
C ALA A 442 -12.87 -1.32 -4.21
N THR A 443 -11.70 -0.85 -3.75
CA THR A 443 -11.02 0.27 -4.40
C THR A 443 -9.56 -0.12 -4.66
N ALA A 444 -9.14 -0.12 -5.93
CA ALA A 444 -7.76 -0.42 -6.31
C ALA A 444 -7.04 0.88 -6.70
N ILE A 445 -5.75 0.96 -6.40
CA ILE A 445 -4.95 2.18 -6.63
C ILE A 445 -3.65 1.84 -7.39
N TYR A 446 -3.41 2.60 -8.46
CA TYR A 446 -2.17 2.59 -9.24
C TYR A 446 -1.57 4.02 -9.25
N CYS A 447 -0.26 4.12 -9.09
CA CYS A 447 0.41 5.43 -9.09
C CYS A 447 1.64 5.43 -9.97
N LEU A 448 2.00 6.60 -10.49
CA LEU A 448 3.27 6.78 -11.21
C LEU A 448 4.40 6.40 -10.26
N MET A 449 5.27 5.48 -10.68
CA MET A 449 6.43 5.13 -9.85
C MET A 449 7.49 4.38 -10.66
N GLY A 450 8.71 4.92 -10.63
CA GLY A 450 9.84 4.36 -11.36
C GLY A 450 9.66 4.40 -12.86
N SER A 451 10.42 3.55 -13.55
CA SER A 451 10.39 3.50 -15.00
C SER A 451 10.06 2.06 -15.44
N GLY A 452 10.03 1.83 -16.76
CA GLY A 452 9.69 0.53 -17.31
C GLY A 452 8.22 0.43 -17.71
N GLN A 453 7.62 -0.72 -17.45
CA GLN A 453 6.24 -1.00 -17.82
C GLN A 453 5.41 -1.50 -16.63
N LEU A 454 4.10 -1.27 -16.71
CA LEU A 454 3.16 -1.72 -15.66
C LEU A 454 3.15 -3.25 -15.58
N LEU A 455 3.37 -3.79 -14.39
CA LEU A 455 3.66 -5.21 -14.20
C LEU A 455 2.55 -6.13 -13.71
N TRP A 456 1.59 -5.65 -12.93
CA TRP A 456 0.60 -6.58 -12.34
C TRP A 456 -0.79 -5.98 -12.18
N ASP A 457 -1.78 -6.86 -12.31
CA ASP A 457 -3.19 -6.49 -12.24
C ASP A 457 -3.75 -6.73 -10.84
N THR A 458 -4.97 -6.27 -10.63
CA THR A 458 -5.62 -6.34 -9.32
C THR A 458 -6.90 -7.18 -9.39
N VAL A 459 -7.10 -8.05 -8.40
CA VAL A 459 -8.36 -8.78 -8.18
C VAL A 459 -8.96 -8.38 -6.83
N THR A 460 -10.28 -8.49 -6.65
CA THR A 460 -10.87 -8.16 -5.33
C THR A 460 -10.75 -9.31 -4.33
N GLY A 461 -10.67 -10.53 -4.83
CA GLY A 461 -10.61 -11.72 -4.01
C GLY A 461 -11.92 -12.10 -3.30
N VAL A 462 -13.01 -11.40 -3.60
CA VAL A 462 -14.27 -11.62 -2.89
C VAL A 462 -15.20 -12.64 -3.58
N ASP A 463 -15.70 -13.58 -2.78
CA ASP A 463 -16.70 -14.54 -3.19
C ASP A 463 -18.02 -14.06 -2.60
N MET A 464 -18.91 -13.57 -3.46
CA MET A 464 -20.18 -12.98 -2.98
C MET A 464 -21.13 -13.94 -2.29
N ALA A 465 -20.89 -15.24 -2.38
CA ALA A 465 -21.74 -16.23 -1.71
C ALA A 465 -21.44 -16.38 -0.21
N LEU A 466 -20.30 -15.86 0.25
CA LEU A 466 -19.84 -16.11 1.62
C LEU A 466 -20.45 -15.13 2.62
N GLU B 77 15.18 19.27 13.58
CA GLU B 77 14.27 18.97 14.73
C GLU B 77 12.83 18.81 14.22
N PRO B 78 12.49 17.61 13.69
CA PRO B 78 13.26 16.34 13.64
C PRO B 78 14.60 16.39 12.88
N GLU B 79 15.60 15.71 13.44
CA GLU B 79 16.91 15.52 12.81
C GLU B 79 17.07 14.08 12.33
N TRP B 80 18.06 13.82 11.49
CA TRP B 80 18.36 12.44 11.10
C TRP B 80 18.80 11.64 12.32
N THR B 81 18.48 10.36 12.37
CA THR B 81 18.94 9.50 13.45
C THR B 81 20.18 8.68 13.05
N TYR B 82 20.93 8.28 14.06
CA TYR B 82 22.17 7.52 13.96
C TYR B 82 22.11 6.42 15.03
N PRO B 83 22.83 5.31 14.82
CA PRO B 83 22.94 4.36 15.92
C PRO B 83 23.70 4.98 17.10
N ARG B 84 23.24 4.70 18.31
CA ARG B 84 23.87 5.20 19.52
C ARG B 84 24.43 4.01 20.30
N LEU B 85 25.20 4.29 21.35
CA LEU B 85 25.61 3.22 22.25
C LEU B 85 24.36 2.59 22.84
N SER B 86 24.42 1.28 23.07
CA SER B 86 23.29 0.53 23.59
C SER B 86 23.11 0.84 25.08
N CYS B 87 21.89 0.65 25.58
CA CYS B 87 21.60 0.86 26.98
C CYS B 87 22.28 -0.22 27.81
N PRO B 88 22.59 0.06 29.08
CA PRO B 88 23.26 -0.95 29.91
C PRO B 88 22.40 -2.20 30.03
N GLY B 89 23.07 -3.34 30.14
CA GLY B 89 22.43 -4.64 30.32
C GLY B 89 23.37 -5.76 29.87
N SER B 90 23.04 -6.99 30.27
CA SER B 90 23.91 -8.13 30.00
CA SER B 90 23.91 -8.13 29.98
C SER B 90 23.17 -9.45 29.74
N THR B 91 21.83 -9.40 29.71
CA THR B 91 21.03 -10.57 29.35
C THR B 91 19.75 -10.08 28.67
N PHE B 92 19.14 -10.94 27.87
CA PHE B 92 17.81 -10.67 27.33
C PHE B 92 16.77 -11.25 28.31
N GLN B 93 15.56 -10.69 28.26
CA GLN B 93 14.41 -11.24 28.99
C GLN B 93 13.15 -11.15 28.13
N LYS B 94 12.19 -12.00 28.43
CA LYS B 94 10.87 -11.97 27.79
C LYS B 94 10.19 -10.64 28.01
N ALA B 95 9.81 -9.98 26.91
CA ALA B 95 9.19 -8.66 26.98
C ALA B 95 7.68 -8.70 26.75
N LEU B 96 7.27 -9.30 25.62
CA LEU B 96 5.93 -9.12 25.11
C LEU B 96 5.59 -10.23 24.10
N LEU B 97 4.33 -10.63 24.12
CA LEU B 97 3.76 -11.56 23.13
C LEU B 97 2.59 -10.86 22.43
N ILE B 98 2.59 -10.91 21.10
CA ILE B 98 1.44 -10.52 20.29
C ILE B 98 0.89 -11.82 19.65
N SER B 99 -0.21 -12.30 20.22
CA SER B 99 -0.83 -13.55 19.79
C SER B 99 -2.28 -13.29 19.37
N PRO B 100 -2.49 -12.73 18.16
CA PRO B 100 -3.83 -12.32 17.75
C PRO B 100 -4.84 -13.46 17.67
N HIS B 101 -4.36 -14.67 17.40
CA HIS B 101 -5.27 -15.80 17.21
C HIS B 101 -5.81 -16.39 18.50
N ARG B 102 -5.34 -15.86 19.65
CA ARG B 102 -6.01 -16.08 20.92
C ARG B 102 -7.45 -15.56 20.89
N PHE B 103 -7.76 -14.70 19.92
CA PHE B 103 -9.10 -14.13 19.79
C PHE B 103 -9.81 -14.53 18.50
N GLY B 104 -9.31 -15.57 17.82
CA GLY B 104 -9.87 -15.99 16.53
C GLY B 104 -10.88 -17.12 16.58
N GLU B 105 -11.41 -17.44 17.76
CA GLU B 105 -12.33 -18.60 17.91
C GLU B 105 -13.64 -18.34 17.18
N THR B 106 -14.27 -19.39 16.66
CA THR B 106 -15.62 -19.25 16.11
CA THR B 106 -15.62 -19.26 16.11
C THR B 106 -16.61 -18.80 17.18
N LYS B 107 -16.32 -19.13 18.44
CA LYS B 107 -17.13 -18.69 19.60
C LYS B 107 -16.90 -17.22 19.99
N GLY B 108 -15.88 -16.60 19.40
CA GLY B 108 -15.52 -15.22 19.71
C GLY B 108 -16.13 -14.19 18.78
N ASN B 109 -15.69 -12.95 18.94
CA ASN B 109 -16.21 -11.83 18.17
C ASN B 109 -15.10 -10.95 17.59
N SER B 110 -13.93 -11.53 17.31
CA SER B 110 -12.79 -10.73 16.83
C SER B 110 -12.36 -11.13 15.43
N ALA B 111 -11.47 -10.32 14.88
CA ALA B 111 -10.99 -10.46 13.50
C ALA B 111 -9.48 -10.24 13.38
N PRO B 112 -8.68 -11.08 14.07
CA PRO B 112 -7.23 -11.09 13.85
C PRO B 112 -6.92 -11.38 12.38
N LEU B 113 -5.99 -10.63 11.81
CA LEU B 113 -5.57 -10.86 10.42
C LEU B 113 -4.64 -12.06 10.28
N ILE B 114 -4.84 -12.79 9.19
CA ILE B 114 -3.96 -13.88 8.80
C ILE B 114 -2.71 -13.31 8.15
N ILE B 115 -1.57 -13.62 8.77
CA ILE B 115 -0.28 -13.03 8.41
C ILE B 115 0.84 -14.08 8.44
N ARG B 116 1.96 -13.71 7.85
CA ARG B 116 3.26 -14.33 8.17
C ARG B 116 4.33 -13.25 7.96
N GLU B 117 5.59 -13.63 8.21
CA GLU B 117 6.73 -12.74 8.07
C GLU B 117 6.60 -11.41 8.83
N PRO B 118 6.28 -11.47 10.13
CA PRO B 118 6.26 -10.26 10.92
C PRO B 118 7.66 -9.70 11.14
N PHE B 119 7.74 -8.37 11.29
CA PHE B 119 8.92 -7.74 11.87
C PHE B 119 8.54 -6.44 12.57
N ILE B 120 9.51 -5.85 13.25
CA ILE B 120 9.30 -4.63 14.02
C ILE B 120 10.37 -3.64 13.64
N ALA B 121 9.99 -2.35 13.57
CA ALA B 121 10.94 -1.27 13.44
C ALA B 121 10.46 -0.06 14.24
N CYS B 122 11.42 0.65 14.84
CA CYS B 122 11.12 1.78 15.71
C CYS B 122 11.78 3.08 15.23
N GLY B 123 11.08 4.17 15.49
CA GLY B 123 11.59 5.51 15.30
C GLY B 123 11.80 6.17 16.64
N PRO B 124 12.01 7.49 16.62
CA PRO B 124 12.24 8.22 17.86
C PRO B 124 11.06 8.19 18.83
N ASN B 125 9.83 8.03 18.32
CA ASN B 125 8.62 8.14 19.15
C ASN B 125 7.77 6.87 19.29
N GLU B 126 7.87 5.95 18.33
CA GLU B 126 7.06 4.74 18.38
C GLU B 126 7.64 3.58 17.63
N CYS B 127 7.18 2.39 18.00
CA CYS B 127 7.53 1.15 17.34
C CYS B 127 6.33 0.68 16.53
N LYS B 128 6.61 0.23 15.31
CA LYS B 128 5.60 -0.37 14.46
C LYS B 128 5.82 -1.87 14.26
N HIS B 129 4.73 -2.62 14.37
CA HIS B 129 4.73 -4.06 14.17
C HIS B 129 4.12 -4.36 12.80
N PHE B 130 5.00 -4.80 11.89
CA PHE B 130 4.70 -5.06 10.48
C PHE B 130 4.46 -6.54 10.21
N ALA B 131 3.71 -6.84 9.15
CA ALA B 131 3.61 -8.20 8.66
C ALA B 131 3.06 -8.20 7.24
N LEU B 132 3.05 -9.39 6.65
CA LEU B 132 2.48 -9.63 5.33
C LEU B 132 1.18 -10.40 5.48
N THR B 133 0.06 -9.75 5.17
CA THR B 133 -1.24 -10.36 5.34
C THR B 133 -1.67 -11.04 4.06
N HIS B 134 -2.48 -12.09 4.20
CA HIS B 134 -3.20 -12.69 3.06
C HIS B 134 -4.56 -12.02 2.81
N TYR B 135 -4.82 -10.91 3.50
CA TYR B 135 -6.05 -10.13 3.27
C TYR B 135 -7.29 -10.97 3.65
N ALA B 136 -7.16 -11.64 4.79
CA ALA B 136 -8.13 -12.62 5.29
C ALA B 136 -8.06 -12.62 6.81
N ALA B 137 -9.18 -12.89 7.46
CA ALA B 137 -9.27 -12.90 8.92
C ALA B 137 -9.65 -14.28 9.44
N GLN B 138 -9.39 -14.52 10.72
CA GLN B 138 -9.88 -15.71 11.44
C GLN B 138 -10.82 -15.23 12.54
N PRO B 139 -12.06 -15.74 12.59
CA PRO B 139 -12.61 -16.68 11.61
C PRO B 139 -13.03 -16.03 10.28
N GLY B 140 -13.11 -16.86 9.24
CA GLY B 140 -13.42 -16.37 7.90
C GLY B 140 -13.51 -17.51 6.89
N GLY B 141 -13.75 -17.14 5.64
CA GLY B 141 -13.92 -18.10 4.56
C GLY B 141 -12.83 -18.14 3.49
N TYR B 142 -11.72 -17.45 3.69
CA TYR B 142 -10.61 -17.41 2.73
C TYR B 142 -9.29 -18.06 3.22
N TYR B 143 -9.40 -19.17 3.96
CA TYR B 143 -8.21 -19.88 4.45
C TYR B 143 -7.43 -20.53 3.31
N ASN B 144 -8.11 -20.94 2.26
CA ASN B 144 -7.45 -21.60 1.15
C ASN B 144 -6.46 -20.66 0.45
N GLY B 145 -5.20 -21.06 0.41
CA GLY B 145 -4.14 -20.23 -0.13
C GLY B 145 -3.27 -19.53 0.89
N THR B 146 -3.67 -19.56 2.16
CA THR B 146 -2.91 -18.88 3.21
C THR B 146 -1.61 -19.58 3.62
N ARG B 147 -1.38 -20.81 3.14
CA ARG B 147 -0.09 -21.47 3.35
C ARG B 147 0.82 -21.29 2.12
N GLY B 148 0.42 -20.40 1.22
CA GLY B 148 1.22 -20.05 0.05
C GLY B 148 1.97 -18.75 0.31
N ASP B 149 2.97 -18.45 -0.52
CA ASP B 149 3.80 -17.27 -0.30
C ASP B 149 3.38 -16.04 -1.10
N ARG B 150 3.09 -16.22 -2.39
CA ARG B 150 2.87 -15.08 -3.26
C ARG B 150 1.54 -15.16 -3.96
N ASN B 151 0.83 -14.04 -3.95
CA ASN B 151 -0.43 -13.89 -4.70
C ASN B 151 -0.74 -12.40 -4.84
N LYS B 152 -1.80 -12.09 -5.58
CA LYS B 152 -2.18 -10.69 -5.88
C LYS B 152 -2.88 -9.96 -4.73
N LEU B 153 -3.13 -10.68 -3.63
CA LEU B 153 -3.80 -10.07 -2.48
C LEU B 153 -2.87 -9.68 -1.34
N ARG B 154 -1.68 -10.28 -1.27
CA ARG B 154 -0.85 -10.03 -0.08
C ARG B 154 -0.46 -8.56 0.04
N HIS B 155 -0.49 -8.05 1.27
CA HIS B 155 -0.20 -6.66 1.57
C HIS B 155 0.69 -6.49 2.78
N LEU B 156 1.51 -5.44 2.77
CA LEU B 156 2.28 -5.07 3.95
C LEU B 156 1.33 -4.27 4.85
N ILE B 157 1.20 -4.69 6.11
CA ILE B 157 0.35 -3.98 7.06
C ILE B 157 1.16 -3.64 8.32
N SER B 158 0.64 -2.72 9.13
CA SER B 158 1.24 -2.52 10.45
C SER B 158 0.22 -2.08 11.50
N VAL B 159 0.58 -2.28 12.77
CA VAL B 159 -0.05 -1.63 13.91
C VAL B 159 1.06 -1.06 14.79
N LYS B 160 0.67 -0.15 15.70
CA LYS B 160 1.56 0.31 16.76
C LYS B 160 1.90 -0.92 17.62
N LEU B 161 3.18 -1.12 17.93
CA LEU B 161 3.59 -2.27 18.72
C LEU B 161 2.86 -2.29 20.05
N GLY B 162 2.18 -3.40 20.35
CA GLY B 162 1.37 -3.52 21.57
C GLY B 162 -0.13 -3.59 21.26
N LYS B 163 -0.50 -3.20 20.04
CA LYS B 163 -1.90 -3.30 19.61
C LYS B 163 -2.07 -4.66 18.92
N ILE B 164 -3.25 -5.24 19.01
CA ILE B 164 -3.51 -6.51 18.32
C ILE B 164 -3.84 -6.20 16.85
N PRO B 165 -3.12 -6.83 15.90
CA PRO B 165 -3.33 -6.57 14.46
C PRO B 165 -4.55 -7.27 13.88
N THR B 166 -5.67 -6.57 14.02
CA THR B 166 -6.96 -7.01 13.52
C THR B 166 -7.33 -6.24 12.25
N VAL B 167 -8.44 -6.62 11.65
CA VAL B 167 -8.93 -5.91 10.47
C VAL B 167 -8.99 -4.39 10.69
N GLU B 168 -9.52 -3.96 11.84
CA GLU B 168 -9.74 -2.52 12.09
C GLU B 168 -8.54 -1.76 12.65
N ASN B 169 -7.75 -2.42 13.49
CA ASN B 169 -6.59 -1.78 14.10
C ASN B 169 -5.45 -1.59 13.12
N SER B 170 -5.34 -2.49 12.14
CA SER B 170 -4.23 -2.46 11.18
C SER B 170 -4.38 -1.35 10.16
N ILE B 171 -3.26 -0.97 9.55
CA ILE B 171 -3.28 -0.13 8.36
C ILE B 171 -2.55 -0.86 7.23
N PHE B 172 -3.10 -0.75 6.04
CA PHE B 172 -2.57 -1.37 4.82
C PHE B 172 -1.69 -0.37 4.06
N HIS B 173 -0.40 -0.69 3.95
CA HIS B 173 0.56 0.23 3.36
C HIS B 173 0.66 0.12 1.83
N MET B 174 0.77 -1.12 1.36
CA MET B 174 0.94 -1.36 -0.09
C MET B 174 0.82 -2.85 -0.37
N ALA B 175 0.49 -3.18 -1.61
CA ALA B 175 0.52 -4.55 -2.09
C ALA B 175 1.96 -5.05 -2.07
N ALA B 176 2.17 -6.22 -1.49
CA ALA B 176 3.51 -6.77 -1.28
C ALA B 176 3.45 -8.22 -0.84
N TRP B 177 4.38 -9.03 -1.35
CA TRP B 177 4.62 -10.39 -0.84
C TRP B 177 6.03 -10.59 -0.32
N SER B 178 6.80 -9.49 -0.24
CA SER B 178 8.06 -9.40 0.49
C SER B 178 8.17 -7.96 0.95
N GLY B 179 8.73 -7.74 2.13
CA GLY B 179 8.66 -6.41 2.72
C GLY B 179 9.80 -6.01 3.62
N SER B 180 9.86 -4.70 3.87
CA SER B 180 10.80 -4.09 4.82
C SER B 180 10.27 -2.70 5.19
N ALA B 181 10.87 -2.07 6.20
CA ALA B 181 10.53 -0.70 6.54
C ALA B 181 11.53 -0.16 7.55
N CYS B 182 11.65 1.16 7.62
CA CYS B 182 12.56 1.80 8.58
C CYS B 182 12.30 3.29 8.66
N HIS B 183 12.65 3.86 9.82
CA HIS B 183 12.48 5.29 10.08
C HIS B 183 13.86 5.95 10.11
N ASP B 184 13.96 7.11 9.46
CA ASP B 184 15.25 7.81 9.30
C ASP B 184 15.46 8.98 10.26
N GLY B 185 14.50 9.19 11.16
CA GLY B 185 14.54 10.31 12.09
C GLY B 185 13.47 11.35 11.77
N LYS B 186 13.11 11.46 10.49
CA LYS B 186 12.06 12.38 10.04
C LYS B 186 10.79 11.67 9.54
N GLU B 187 10.93 10.54 8.88
CA GLU B 187 9.79 9.88 8.20
C GLU B 187 10.02 8.39 8.01
N TRP B 188 8.92 7.65 7.87
CA TRP B 188 8.96 6.23 7.52
C TRP B 188 9.17 5.96 6.02
N THR B 189 10.06 5.00 5.74
CA THR B 189 10.19 4.41 4.42
C THR B 189 9.59 3.01 4.47
N TYR B 190 8.66 2.72 3.55
CA TYR B 190 8.04 1.40 3.45
C TYR B 190 8.47 0.74 2.16
N ILE B 191 8.78 -0.55 2.22
CA ILE B 191 9.27 -1.29 1.07
C ILE B 191 8.38 -2.51 0.82
N GLY B 192 7.93 -2.68 -0.43
CA GLY B 192 7.09 -3.80 -0.83
C GLY B 192 7.43 -4.33 -2.22
N VAL B 193 7.63 -5.64 -2.32
CA VAL B 193 7.86 -6.31 -3.61
C VAL B 193 6.60 -7.09 -4.01
N ASP B 194 6.12 -6.84 -5.22
CA ASP B 194 5.10 -7.67 -5.83
C ASP B 194 5.34 -7.84 -7.32
N GLY B 195 4.32 -8.34 -8.03
CA GLY B 195 4.45 -8.66 -9.44
C GLY B 195 4.62 -10.14 -9.70
N PRO B 196 4.78 -10.51 -10.97
CA PRO B 196 5.00 -11.93 -11.35
C PRO B 196 6.41 -12.39 -10.93
N ASP B 197 6.55 -13.69 -10.66
CA ASP B 197 7.82 -14.24 -10.17
C ASP B 197 9.00 -13.87 -11.05
N ASN B 198 8.85 -13.94 -12.36
CA ASN B 198 9.97 -13.70 -13.27
C ASN B 198 10.24 -12.22 -13.63
N ASP B 199 9.47 -11.29 -13.07
CA ASP B 199 9.66 -9.86 -13.36
C ASP B 199 9.03 -9.05 -12.24
N ALA B 200 9.41 -9.38 -11.00
CA ALA B 200 8.86 -8.74 -9.82
C ALA B 200 9.41 -7.31 -9.65
N LEU B 201 8.81 -6.55 -8.75
CA LEU B 201 9.09 -5.12 -8.64
C LEU B 201 9.16 -4.70 -7.18
N LEU B 202 10.25 -4.07 -6.81
CA LEU B 202 10.40 -3.48 -5.49
C LEU B 202 9.88 -2.05 -5.55
N LYS B 203 8.98 -1.70 -4.63
CA LYS B 203 8.36 -0.39 -4.57
C LYS B 203 8.71 0.32 -3.26
N VAL B 204 9.00 1.61 -3.36
CA VAL B 204 9.41 2.40 -2.21
C VAL B 204 8.35 3.47 -1.95
N LYS B 205 7.96 3.58 -0.68
CA LYS B 205 7.02 4.57 -0.24
C LYS B 205 7.67 5.38 0.89
N TYR B 206 7.66 6.71 0.77
CA TYR B 206 8.15 7.62 1.81
C TYR B 206 6.93 8.32 2.39
N GLY B 207 6.57 7.97 3.62
CA GLY B 207 5.30 8.44 4.21
C GLY B 207 4.12 7.93 3.39
N GLU B 208 3.31 8.84 2.89
CA GLU B 208 2.15 8.51 2.05
C GLU B 208 2.50 8.36 0.58
N ALA B 209 3.67 8.88 0.18
CA ALA B 209 4.01 9.00 -1.25
C ALA B 209 4.82 7.81 -1.78
N TYR B 210 4.31 7.20 -2.87
CA TYR B 210 5.11 6.24 -3.67
C TYR B 210 6.19 7.03 -4.43
N THR B 211 7.45 6.72 -4.17
CA THR B 211 8.58 7.54 -4.62
C THR B 211 9.58 6.87 -5.59
N ASP B 212 9.65 5.55 -5.62
CA ASP B 212 10.60 4.89 -6.53
C ASP B 212 10.31 3.40 -6.67
N THR B 213 10.97 2.78 -7.64
CA THR B 213 10.92 1.33 -7.77
C THR B 213 12.28 0.80 -8.21
N TYR B 214 12.45 -0.51 -8.07
CA TYR B 214 13.63 -1.21 -8.57
C TYR B 214 13.22 -2.55 -9.18
N HIS B 215 13.85 -2.90 -10.29
CA HIS B 215 13.45 -4.05 -11.12
C HIS B 215 14.24 -5.32 -10.85
N SER B 216 13.60 -6.43 -11.16
CA SER B 216 14.23 -7.74 -11.15
C SER B 216 15.41 -7.74 -12.11
N TYR B 217 16.56 -8.20 -11.61
CA TYR B 217 17.80 -8.26 -12.40
C TYR B 217 18.24 -9.67 -12.83
N ALA B 218 17.68 -10.70 -12.21
CA ALA B 218 17.91 -12.09 -12.62
C ALA B 218 16.63 -12.75 -13.17
N ASN B 219 15.48 -12.09 -12.98
CA ASN B 219 14.22 -12.55 -13.54
C ASN B 219 13.89 -13.95 -13.03
N LYS B 220 14.17 -14.18 -11.75
CA LYS B 220 13.84 -15.45 -11.12
C LYS B 220 12.82 -15.20 -10.02
N LEU B 221 13.14 -14.30 -9.09
CA LEU B 221 12.22 -13.86 -8.01
C LEU B 221 12.89 -12.80 -7.14
N LEU B 222 12.67 -11.53 -7.48
CA LEU B 222 13.18 -10.39 -6.69
C LEU B 222 12.48 -10.40 -5.34
N ARG B 223 13.25 -10.14 -4.27
CA ARG B 223 12.72 -10.20 -2.93
C ARG B 223 13.59 -9.42 -1.96
N THR B 224 13.08 -9.17 -0.75
CA THR B 224 13.85 -8.37 0.22
C THR B 224 13.89 -8.99 1.64
N GLN B 225 14.16 -8.17 2.66
CA GLN B 225 14.63 -8.69 3.96
C GLN B 225 13.61 -9.43 4.85
N GLU B 226 12.36 -8.94 4.84
CA GLU B 226 11.32 -9.34 5.82
C GLU B 226 11.72 -8.87 7.24
N SER B 227 12.49 -7.79 7.31
CA SER B 227 12.87 -7.13 8.56
C SER B 227 13.30 -5.69 8.31
N ALA B 228 13.52 -4.93 9.37
CA ALA B 228 13.80 -3.50 9.30
C ALA B 228 15.01 -3.19 8.42
N CYS B 229 14.88 -2.14 7.60
CA CYS B 229 16.03 -1.57 6.92
C CYS B 229 16.74 -0.65 7.92
N ASN B 230 17.87 -0.06 7.53
CA ASN B 230 18.73 0.66 8.48
C ASN B 230 19.18 2.02 7.97
N CYS B 231 18.79 3.07 8.71
CA CYS B 231 19.02 4.45 8.28
C CYS B 231 20.08 5.16 9.15
N ILE B 232 20.97 5.88 8.49
CA ILE B 232 21.97 6.68 9.17
C ILE B 232 22.16 8.02 8.44
N GLY B 233 21.98 9.13 9.15
CA GLY B 233 22.15 10.47 8.54
C GLY B 233 21.31 10.66 7.29
N GLY B 234 20.14 10.04 7.27
CA GLY B 234 19.20 10.12 6.15
C GLY B 234 19.35 9.08 5.05
N ASN B 235 20.44 8.30 5.09
CA ASN B 235 20.66 7.21 4.14
C ASN B 235 20.18 5.86 4.70
N CYS B 236 19.19 5.27 4.05
CA CYS B 236 18.62 3.99 4.47
C CYS B 236 19.17 2.90 3.56
N TYR B 237 19.75 1.88 4.18
CA TYR B 237 20.36 0.75 3.46
C TYR B 237 19.46 -0.47 3.55
N LEU B 238 19.29 -1.16 2.41
CA LEU B 238 18.36 -2.28 2.23
C LEU B 238 18.96 -3.40 1.36
N MET B 239 18.91 -4.64 1.86
CA MET B 239 19.21 -5.83 1.08
C MET B 239 18.05 -6.19 0.17
N ILE B 240 18.41 -6.49 -1.07
CA ILE B 240 17.50 -7.13 -2.02
C ILE B 240 18.24 -8.33 -2.57
N THR B 241 17.50 -9.30 -3.09
CA THR B 241 18.13 -10.39 -3.84
C THR B 241 17.22 -10.90 -4.96
N ASP B 242 17.78 -11.71 -5.85
CA ASP B 242 17.06 -12.22 -7.01
C ASP B 242 17.81 -13.44 -7.47
N GLY B 243 17.08 -14.50 -7.81
CA GLY B 243 17.69 -15.77 -8.13
C GLY B 243 16.83 -16.96 -7.72
N SER B 244 17.29 -18.14 -8.08
CA SER B 244 16.60 -19.39 -7.83
C SER B 244 16.66 -19.73 -6.34
N ALA B 245 15.56 -20.27 -5.82
CA ALA B 245 15.51 -20.72 -4.44
C ALA B 245 16.47 -21.88 -4.16
N SER B 246 16.79 -22.67 -5.17
CA SER B 246 17.66 -23.84 -5.01
C SER B 246 19.00 -23.70 -5.74
N GLY B 247 19.31 -22.50 -6.24
CA GLY B 247 20.57 -22.25 -6.90
C GLY B 247 21.17 -20.91 -6.49
N VAL B 248 21.65 -20.15 -7.48
CA VAL B 248 22.34 -18.89 -7.22
C VAL B 248 21.35 -17.75 -6.95
N SER B 249 21.60 -16.98 -5.89
CA SER B 249 20.86 -15.75 -5.62
C SER B 249 21.84 -14.72 -5.07
N GLU B 250 22.39 -13.92 -5.98
CA GLU B 250 23.38 -12.92 -5.61
C GLU B 250 22.67 -11.64 -5.17
N CYS B 251 22.81 -11.28 -3.90
CA CYS B 251 22.14 -10.08 -3.36
C CYS B 251 22.83 -8.78 -3.77
N ARG B 252 22.08 -7.68 -3.58
CA ARG B 252 22.58 -6.31 -3.73
C ARG B 252 22.09 -5.51 -2.57
N PHE B 253 22.69 -4.34 -2.36
CA PHE B 253 22.16 -3.38 -1.40
C PHE B 253 21.76 -2.09 -2.12
N LEU B 254 20.63 -1.55 -1.69
CA LEU B 254 20.20 -0.25 -2.16
C LEU B 254 20.42 0.78 -1.07
N LYS B 255 20.89 1.94 -1.50
CA LYS B 255 21.00 3.11 -0.64
C LYS B 255 19.84 4.05 -1.03
N ILE B 256 18.95 4.30 -0.06
CA ILE B 256 17.70 5.01 -0.32
C ILE B 256 17.65 6.25 0.56
N ARG B 257 17.37 7.41 -0.02
CA ARG B 257 17.34 8.67 0.70
C ARG B 257 16.05 9.42 0.38
N GLU B 258 15.24 9.68 1.41
CA GLU B 258 13.93 10.30 1.28
C GLU B 258 13.10 9.63 0.17
N GLY B 259 13.16 8.31 0.15
CA GLY B 259 12.33 7.47 -0.70
C GLY B 259 12.88 7.18 -2.07
N ARG B 260 14.04 7.73 -2.39
CA ARG B 260 14.62 7.53 -3.71
C ARG B 260 15.94 6.76 -3.67
N ILE B 261 16.09 5.82 -4.59
CA ILE B 261 17.29 4.97 -4.67
C ILE B 261 18.41 5.81 -5.29
N ILE B 262 19.43 6.09 -4.49
CA ILE B 262 20.53 6.95 -4.92
C ILE B 262 21.83 6.19 -5.23
N LYS B 263 21.93 4.94 -4.81
CA LYS B 263 23.08 4.10 -5.15
C LYS B 263 22.72 2.63 -5.09
N GLU B 264 23.34 1.86 -5.96
CA GLU B 264 23.32 0.38 -5.88
C GLU B 264 24.71 -0.06 -5.45
N ILE B 265 24.77 -1.01 -4.53
CA ILE B 265 26.02 -1.52 -3.98
C ILE B 265 26.12 -3.01 -4.30
N PHE B 266 27.21 -3.41 -4.95
CA PHE B 266 27.37 -4.79 -5.41
C PHE B 266 28.42 -5.46 -4.54
N PRO B 267 28.01 -6.39 -3.64
CA PRO B 267 28.97 -6.95 -2.71
C PRO B 267 30.03 -7.80 -3.39
N THR B 268 31.17 -7.93 -2.74
CA THR B 268 32.21 -8.83 -3.17
C THR B 268 32.28 -10.03 -2.21
N GLY B 269 33.12 -11.00 -2.55
CA GLY B 269 33.38 -12.16 -1.70
C GLY B 269 32.50 -13.35 -2.03
N ARG B 270 31.98 -14.01 -0.99
CA ARG B 270 31.15 -15.22 -1.09
C ARG B 270 29.71 -14.80 -1.31
N VAL B 271 29.33 -14.74 -2.58
CA VAL B 271 28.06 -14.11 -3.01
C VAL B 271 27.04 -15.06 -3.65
N LYS B 272 27.35 -16.35 -3.69
CA LYS B 272 26.55 -17.29 -4.46
C LYS B 272 25.09 -17.44 -4.00
N HIS B 273 24.82 -17.22 -2.72
CA HIS B 273 23.42 -17.21 -2.25
C HIS B 273 23.22 -16.51 -0.92
N THR B 274 22.59 -15.35 -1.01
CA THR B 274 22.34 -14.51 0.14
C THR B 274 20.90 -14.01 0.07
N GLU B 275 20.08 -14.34 1.06
CA GLU B 275 18.71 -13.82 1.13
C GLU B 275 18.22 -13.58 2.56
N GLU B 276 17.09 -12.87 2.69
CA GLU B 276 16.46 -12.62 4.00
C GLU B 276 17.44 -12.11 5.06
N CYS B 277 18.32 -11.21 4.63
CA CYS B 277 19.30 -10.64 5.55
C CYS B 277 18.61 -9.91 6.71
N THR B 278 19.12 -10.18 7.89
CA THR B 278 18.72 -9.50 9.11
C THR B 278 19.92 -8.61 9.45
N CYS B 279 19.73 -7.31 9.33
CA CYS B 279 20.81 -6.33 9.38
C CYS B 279 20.70 -5.30 10.51
N GLY B 280 21.83 -4.75 10.93
CA GLY B 280 21.84 -3.66 11.89
C GLY B 280 23.21 -3.02 12.02
N PHE B 281 23.30 -1.94 12.81
CA PHE B 281 24.57 -1.21 12.96
C PHE B 281 25.51 -1.82 14.00
N ALA B 282 26.72 -2.16 13.56
CA ALA B 282 27.82 -2.49 14.46
C ALA B 282 28.47 -1.20 14.99
N SER B 283 28.32 -0.11 14.23
CA SER B 283 28.96 1.19 14.51
C SER B 283 28.40 2.23 13.53
N ASN B 284 28.87 3.48 13.63
CA ASN B 284 28.52 4.49 12.62
C ASN B 284 29.16 4.23 11.24
N LYS B 285 30.16 3.37 11.17
CA LYS B 285 30.84 3.06 9.93
C LYS B 285 30.33 1.80 9.23
N THR B 286 29.80 0.86 10.02
CA THR B 286 29.53 -0.51 9.57
C THR B 286 28.14 -1.05 9.87
N ILE B 287 27.48 -1.53 8.82
CA ILE B 287 26.28 -2.35 8.95
C ILE B 287 26.70 -3.82 8.76
N GLU B 288 26.23 -4.69 9.65
CA GLU B 288 26.41 -6.14 9.46
C GLU B 288 25.06 -6.83 9.28
N CYS B 289 25.04 -7.93 8.53
CA CYS B 289 23.82 -8.72 8.37
C CYS B 289 24.11 -10.20 8.50
N ALA B 290 23.14 -10.94 9.04
CA ALA B 290 23.16 -12.39 9.08
C ALA B 290 22.01 -12.88 8.22
N CYS B 291 22.32 -13.68 7.21
CA CYS B 291 21.40 -13.95 6.13
C CYS B 291 21.16 -15.46 5.98
N ARG B 292 20.43 -15.84 4.94
CA ARG B 292 20.04 -17.22 4.67
C ARG B 292 20.61 -17.67 3.33
N ASP B 293 21.31 -18.81 3.34
CA ASP B 293 21.66 -19.52 2.10
C ASP B 293 20.70 -20.70 2.01
N ASN B 294 19.74 -20.61 1.08
CA ASN B 294 18.72 -21.65 0.93
C ASN B 294 19.15 -22.87 0.12
N SER B 295 20.39 -22.86 -0.39
CA SER B 295 20.86 -23.87 -1.33
C SER B 295 22.05 -24.71 -0.86
N TYR B 296 23.09 -24.05 -0.36
CA TYR B 296 24.42 -24.67 -0.30
C TYR B 296 24.97 -24.91 1.09
N THR B 297 24.44 -24.25 2.11
CA THR B 297 25.03 -24.38 3.43
C THR B 297 24.07 -24.00 4.55
N ALA B 298 24.36 -24.54 5.73
CA ALA B 298 23.66 -24.20 6.97
C ALA B 298 24.37 -23.12 7.81
N LYS B 299 25.56 -22.70 7.38
CA LYS B 299 26.20 -21.50 7.90
C LYS B 299 25.47 -20.30 7.28
N ARG B 300 25.37 -19.21 8.02
CA ARG B 300 24.73 -18.00 7.51
C ARG B 300 25.77 -17.14 6.82
N PRO B 301 25.47 -16.70 5.58
CA PRO B 301 26.26 -15.63 5.01
C PRO B 301 26.23 -14.38 5.90
N PHE B 302 27.39 -13.76 6.07
CA PHE B 302 27.53 -12.62 6.99
C PHE B 302 28.04 -11.44 6.18
N VAL B 303 27.21 -10.41 6.07
CA VAL B 303 27.57 -9.19 5.32
C VAL B 303 28.25 -8.15 6.23
N LYS B 304 29.34 -7.56 5.76
CA LYS B 304 29.89 -6.32 6.33
C LYS B 304 29.82 -5.22 5.28
N LEU B 305 29.04 -4.19 5.60
CA LEU B 305 28.76 -3.09 4.70
C LEU B 305 29.32 -1.81 5.30
N ASN B 306 30.25 -1.19 4.59
CA ASN B 306 30.91 0.03 5.06
C ASN B 306 30.08 1.18 4.50
N VAL B 307 29.42 1.93 5.39
CA VAL B 307 28.58 3.06 4.97
C VAL B 307 29.34 4.37 4.71
N GLU B 308 30.63 4.41 5.01
CA GLU B 308 31.47 5.55 4.62
C GLU B 308 31.91 5.42 3.16
N THR B 309 32.20 4.20 2.70
CA THR B 309 32.67 3.98 1.33
C THR B 309 31.59 3.38 0.41
N ASP B 310 30.46 2.98 0.98
CA ASP B 310 29.39 2.28 0.27
C ASP B 310 29.94 1.04 -0.48
N THR B 311 30.66 0.20 0.26
CA THR B 311 31.15 -1.08 -0.23
C THR B 311 30.74 -2.20 0.72
N ALA B 312 30.56 -3.40 0.18
CA ALA B 312 30.14 -4.55 0.97
C ALA B 312 30.88 -5.83 0.58
N GLU B 313 31.18 -6.64 1.57
CA GLU B 313 31.81 -7.94 1.39
C GLU B 313 31.01 -8.97 2.21
N ILE B 314 30.92 -10.19 1.67
CA ILE B 314 30.17 -11.25 2.32
C ILE B 314 31.08 -12.46 2.48
N ARG B 315 31.04 -13.08 3.66
CA ARG B 315 31.64 -14.39 3.89
C ARG B 315 30.75 -15.16 4.82
N LEU B 316 30.92 -16.48 4.84
CA LEU B 316 30.14 -17.32 5.74
C LEU B 316 30.57 -17.10 7.20
N MET B 317 29.59 -17.13 8.12
CA MET B 317 29.91 -17.19 9.55
C MET B 317 30.67 -18.48 9.83
N CYS B 318 31.81 -18.39 10.49
CA CYS B 318 32.63 -19.56 10.77
C CYS B 318 32.20 -20.35 12.02
N THR B 319 31.32 -19.78 12.85
CA THR B 319 31.04 -20.38 14.15
C THR B 319 30.54 -21.81 14.00
N ASP B 320 31.00 -22.69 14.88
CA ASP B 320 30.48 -24.08 14.98
C ASP B 320 28.97 -24.12 15.25
N THR B 321 28.43 -23.04 15.81
CA THR B 321 27.00 -22.90 16.14
C THR B 321 26.19 -22.49 14.89
N TYR B 322 26.01 -23.42 13.95
CA TYR B 322 25.36 -23.07 12.68
C TYR B 322 23.94 -22.57 12.96
N LEU B 323 23.58 -21.42 12.40
CA LEU B 323 22.32 -20.77 12.78
C LEU B 323 21.12 -21.08 11.88
N ASP B 324 21.36 -21.72 10.73
CA ASP B 324 20.26 -22.06 9.82
C ASP B 324 19.48 -23.27 10.34
N THR B 325 18.32 -23.50 9.73
CA THR B 325 17.55 -24.72 9.88
C THR B 325 17.04 -25.08 8.49
N PRO B 326 17.31 -26.32 8.01
CA PRO B 326 17.98 -27.42 8.72
C PRO B 326 19.47 -27.19 8.83
N ARG B 327 20.13 -28.01 9.65
CA ARG B 327 21.58 -27.92 9.85
C ARG B 327 22.13 -29.27 10.31
N PRO B 328 23.42 -29.53 10.03
CA PRO B 328 24.08 -30.70 10.63
C PRO B 328 24.47 -30.39 12.08
N ASP B 329 25.05 -31.38 12.77
CA ASP B 329 25.52 -31.21 14.14
C ASP B 329 26.57 -30.08 14.23
N ASP B 330 26.56 -29.33 15.34
CA ASP B 330 27.49 -28.23 15.54
C ASP B 330 28.94 -28.69 15.38
N GLY B 331 29.74 -27.89 14.68
CA GLY B 331 31.14 -28.19 14.49
C GLY B 331 31.43 -29.29 13.47
N SER B 332 30.40 -29.90 12.89
CA SER B 332 30.62 -31.10 12.08
C SER B 332 30.98 -30.79 10.63
N ILE B 333 30.90 -29.53 10.21
CA ILE B 333 31.37 -29.14 8.89
C ILE B 333 32.89 -28.99 8.96
N THR B 334 33.60 -29.94 8.36
CA THR B 334 35.06 -30.00 8.44
C THR B 334 35.71 -29.10 7.40
N GLY B 335 36.95 -28.72 7.67
CA GLY B 335 37.75 -27.90 6.76
C GLY B 335 37.68 -26.44 7.17
N PRO B 336 38.14 -25.53 6.29
CA PRO B 336 38.21 -24.11 6.66
C PRO B 336 36.83 -23.41 6.71
N CYS B 337 36.85 -22.17 7.19
CA CYS B 337 35.61 -21.39 7.45
C CYS B 337 34.64 -21.32 6.27
N GLU B 338 35.17 -21.25 5.05
CA GLU B 338 34.32 -21.15 3.86
C GLU B 338 33.69 -22.48 3.39
N SER B 339 34.01 -23.60 4.05
CA SER B 339 33.46 -24.91 3.65
C SER B 339 31.94 -24.95 3.81
N ASN B 340 31.24 -25.38 2.76
CA ASN B 340 29.77 -25.40 2.75
C ASN B 340 29.16 -26.46 3.66
N GLY B 341 29.67 -27.68 3.55
CA GLY B 341 29.16 -28.79 4.31
C GLY B 341 27.81 -29.32 3.87
N ASP B 342 27.21 -30.11 4.76
CA ASP B 342 26.05 -30.94 4.48
C ASP B 342 24.73 -30.30 4.98
N LYS B 343 23.60 -30.76 4.45
CA LYS B 343 22.26 -30.25 4.81
C LYS B 343 22.12 -28.73 4.59
N GLY B 344 22.73 -28.25 3.52
CA GLY B 344 22.69 -26.84 3.16
C GLY B 344 21.39 -26.41 2.49
N SER B 345 20.69 -27.36 1.87
CA SER B 345 19.47 -27.05 1.15
C SER B 345 18.37 -26.71 2.15
N GLY B 346 17.57 -25.70 1.83
CA GLY B 346 16.56 -25.16 2.73
C GLY B 346 17.18 -24.12 3.64
N GLY B 347 16.39 -23.54 4.54
CA GLY B 347 16.89 -22.52 5.40
C GLY B 347 15.75 -21.81 6.14
N ILE B 348 16.14 -20.80 6.89
CA ILE B 348 15.19 -19.97 7.64
C ILE B 348 15.80 -18.61 7.90
N LYS B 349 14.97 -17.57 8.01
CA LYS B 349 15.45 -16.24 8.34
C LYS B 349 15.79 -16.21 9.83
N GLY B 350 16.91 -15.60 10.16
CA GLY B 350 17.45 -15.68 11.52
C GLY B 350 17.60 -14.36 12.23
N GLY B 351 17.35 -14.37 13.54
CA GLY B 351 17.54 -13.18 14.37
C GLY B 351 19.00 -12.83 14.59
N PHE B 352 19.26 -11.52 14.61
CA PHE B 352 20.60 -10.95 14.77
C PHE B 352 20.43 -9.50 15.21
N VAL B 353 21.09 -9.08 16.28
CA VAL B 353 21.05 -7.70 16.76
C VAL B 353 22.34 -7.39 17.53
N HIS B 354 22.71 -6.12 17.53
CA HIS B 354 23.97 -5.63 18.07
C HIS B 354 23.79 -4.96 19.43
N GLN B 355 24.78 -5.18 20.29
CA GLN B 355 24.90 -4.46 21.56
C GLN B 355 26.20 -3.68 21.50
N ARG B 356 26.07 -2.38 21.28
CA ARG B 356 27.22 -1.52 21.00
C ARG B 356 27.71 -0.91 22.31
N MET B 357 28.94 -1.21 22.67
CA MET B 357 29.54 -0.69 23.89
C MET B 357 30.80 0.08 23.52
N GLU B 358 31.41 0.76 24.50
CA GLU B 358 32.51 1.69 24.22
C GLU B 358 33.71 1.05 23.49
N SER B 359 34.20 -0.08 23.98
CA SER B 359 35.31 -0.77 23.27
C SER B 359 35.00 -2.25 23.09
N LYS B 360 33.72 -2.54 22.85
CA LYS B 360 33.23 -3.91 22.83
C LYS B 360 31.92 -3.97 22.06
N ILE B 361 31.72 -5.06 21.33
CA ILE B 361 30.52 -5.28 20.54
C ILE B 361 29.98 -6.69 20.83
N GLY B 362 28.72 -6.72 21.26
CA GLY B 362 28.02 -7.98 21.47
C GLY B 362 27.17 -8.27 20.25
N ARG B 363 27.29 -9.50 19.75
CA ARG B 363 26.46 -9.96 18.68
C ARG B 363 25.56 -11.07 19.24
N TRP B 364 24.25 -10.82 19.14
CA TRP B 364 23.19 -11.68 19.67
C TRP B 364 22.46 -12.32 18.49
N TYR B 365 22.22 -13.63 18.56
CA TYR B 365 21.65 -14.38 17.45
C TYR B 365 20.60 -15.35 17.98
N SER B 366 19.69 -15.79 17.11
CA SER B 366 18.73 -16.84 17.51
C SER B 366 18.72 -17.96 16.50
N ARG B 367 18.40 -19.19 16.96
CA ARG B 367 18.19 -20.33 16.06
C ARG B 367 17.20 -21.29 16.69
N THR B 368 16.55 -22.08 15.84
CA THR B 368 15.58 -23.06 16.33
C THR B 368 16.27 -24.05 17.27
N MET B 369 15.53 -24.62 18.21
CA MET B 369 16.10 -25.61 19.11
C MET B 369 16.30 -26.95 18.38
N SER B 370 15.39 -27.26 17.45
CA SER B 370 15.49 -28.42 16.59
C SER B 370 16.45 -28.17 15.43
N LYS B 371 17.28 -29.17 15.12
CA LYS B 371 18.18 -29.09 13.98
C LYS B 371 17.50 -29.18 12.62
N THR B 372 16.35 -29.82 12.55
CA THR B 372 15.69 -30.04 11.26
C THR B 372 14.30 -29.43 11.11
N GLU B 373 13.63 -29.10 12.22
CA GLU B 373 12.26 -28.58 12.18
C GLU B 373 12.15 -27.18 12.77
N ARG B 374 11.11 -26.46 12.38
CA ARG B 374 10.86 -25.10 12.88
C ARG B 374 10.16 -25.12 14.23
N MET B 375 10.89 -25.65 15.22
CA MET B 375 10.41 -25.85 16.58
C MET B 375 11.44 -25.28 17.57
N GLY B 376 10.94 -24.51 18.54
CA GLY B 376 11.78 -23.89 19.53
C GLY B 376 12.56 -22.70 19.00
N MET B 377 13.14 -21.93 19.92
CA MET B 377 14.02 -20.84 19.55
C MET B 377 14.95 -20.53 20.74
N GLY B 378 16.24 -20.62 20.47
CA GLY B 378 17.28 -20.35 21.44
C GLY B 378 18.01 -19.06 21.12
N LEU B 379 18.46 -18.37 22.16
CA LEU B 379 19.23 -17.12 22.02
C LEU B 379 20.70 -17.42 22.29
N TYR B 380 21.60 -16.69 21.59
CA TYR B 380 23.05 -16.87 21.73
C TYR B 380 23.75 -15.52 21.69
N VAL B 381 24.95 -15.43 22.27
CA VAL B 381 25.75 -14.22 22.21
C VAL B 381 27.23 -14.52 22.06
N LYS B 382 27.92 -13.67 21.30
CA LYS B 382 29.39 -13.64 21.30
C LYS B 382 29.86 -12.19 21.25
N TYR B 383 30.86 -11.88 22.08
CA TYR B 383 31.49 -10.55 22.09
C TYR B 383 32.78 -10.51 21.25
N ASP B 384 32.84 -9.53 20.35
CA ASP B 384 34.02 -9.23 19.54
C ASP B 384 34.42 -10.36 18.57
N GLY B 385 35.71 -10.40 18.20
CA GLY B 385 36.21 -11.37 17.23
C GLY B 385 35.75 -11.01 15.82
N ASP B 386 36.04 -11.90 14.88
CA ASP B 386 35.63 -11.73 13.50
C ASP B 386 34.75 -12.90 13.12
N PRO B 387 33.45 -12.64 12.89
CA PRO B 387 32.56 -13.77 12.62
C PRO B 387 32.94 -14.60 11.39
N TRP B 388 33.70 -14.02 10.47
CA TRP B 388 34.18 -14.70 9.27
C TRP B 388 35.29 -15.70 9.56
N ALA B 389 35.99 -15.51 10.68
CA ALA B 389 37.17 -16.35 10.97
C ALA B 389 37.07 -17.24 12.20
N ASP B 390 36.10 -16.99 13.07
CA ASP B 390 36.06 -17.61 14.39
C ASP B 390 35.13 -18.81 14.44
N SER B 391 35.69 -20.00 14.70
CA SER B 391 34.88 -21.22 14.81
C SER B 391 34.28 -21.44 16.21
N ASP B 392 34.75 -20.71 17.23
CA ASP B 392 34.23 -20.93 18.58
C ASP B 392 32.71 -20.83 18.68
N ALA B 393 32.14 -21.72 19.48
CA ALA B 393 30.71 -21.76 19.71
C ALA B 393 30.23 -20.43 20.28
N LEU B 394 29.06 -20.00 19.82
CA LEU B 394 28.36 -18.88 20.46
C LEU B 394 27.88 -19.37 21.83
N ALA B 395 27.83 -18.47 22.81
CA ALA B 395 27.40 -18.83 24.16
C ALA B 395 25.88 -18.93 24.23
N PHE B 396 25.38 -20.10 24.60
CA PHE B 396 23.93 -20.24 24.79
C PHE B 396 23.43 -19.33 25.91
N SER B 397 22.40 -18.54 25.60
CA SER B 397 21.87 -17.49 26.48
C SER B 397 20.34 -17.56 26.64
N GLY B 398 19.77 -18.74 26.46
CA GLY B 398 18.41 -19.03 26.94
C GLY B 398 17.44 -19.56 25.92
N VAL B 399 16.45 -20.31 26.42
CA VAL B 399 15.33 -20.77 25.62
C VAL B 399 14.23 -19.72 25.61
N MET B 400 14.05 -19.09 24.44
CA MET B 400 12.98 -18.14 24.26
C MET B 400 11.67 -18.86 23.98
N VAL B 401 11.76 -19.97 23.23
CA VAL B 401 10.61 -20.80 22.85
C VAL B 401 11.02 -22.26 22.99
N SER B 402 10.28 -23.05 23.76
CA SER B 402 10.66 -24.44 23.96
C SER B 402 10.41 -25.25 22.68
N MET B 403 11.02 -26.42 22.59
CA MET B 403 10.87 -27.21 21.36
C MET B 403 9.44 -27.73 21.15
N LYS B 404 8.60 -27.67 22.18
CA LYS B 404 7.19 -28.01 22.05
C LYS B 404 6.36 -27.00 21.23
N GLU B 405 6.90 -25.80 21.02
CA GLU B 405 6.19 -24.69 20.39
C GLU B 405 6.85 -24.32 19.05
N PRO B 406 6.10 -23.72 18.14
CA PRO B 406 6.67 -23.33 16.84
C PRO B 406 7.69 -22.19 16.94
N GLY B 407 8.77 -22.32 16.18
CA GLY B 407 9.79 -21.26 16.06
C GLY B 407 10.16 -21.16 14.61
N TRP B 408 9.65 -20.12 13.95
CA TRP B 408 9.84 -19.92 12.52
C TRP B 408 10.82 -18.75 12.32
N TYR B 409 10.47 -17.72 11.55
CA TYR B 409 11.40 -16.61 11.30
C TYR B 409 11.75 -15.88 12.58
N SER B 410 12.95 -15.31 12.62
CA SER B 410 13.34 -14.40 13.72
C SER B 410 14.07 -13.19 13.14
N PHE B 411 14.06 -12.09 13.89
CA PHE B 411 14.60 -10.81 13.42
C PHE B 411 15.10 -9.94 14.55
N GLY B 412 15.98 -9.01 14.23
CA GLY B 412 16.43 -8.01 15.19
C GLY B 412 15.80 -6.64 14.99
N PHE B 413 15.72 -5.87 16.08
CA PHE B 413 15.33 -4.47 16.02
C PHE B 413 15.80 -3.76 17.27
N GLU B 414 15.72 -2.43 17.26
CA GLU B 414 16.17 -1.63 18.39
C GLU B 414 15.11 -0.60 18.77
N ILE B 415 14.87 -0.48 20.08
CA ILE B 415 13.93 0.50 20.63
C ILE B 415 14.76 1.68 21.10
N LYS B 416 14.26 2.90 20.89
CA LYS B 416 15.02 4.09 21.24
C LYS B 416 14.57 4.60 22.60
N ASP B 417 15.44 4.44 23.60
CA ASP B 417 15.29 5.10 24.90
C ASP B 417 15.69 6.57 24.72
N LYS B 418 15.60 7.36 25.79
CA LYS B 418 15.91 8.80 25.71
C LYS B 418 17.35 9.06 25.24
N GLU B 419 18.33 8.31 25.74
CA GLU B 419 19.75 8.57 25.41
C GLU B 419 20.53 7.37 24.87
N CYS B 420 19.87 6.22 24.73
CA CYS B 420 20.56 4.99 24.32
C CYS B 420 19.60 4.06 23.61
N ASP B 421 20.15 3.06 22.92
CA ASP B 421 19.35 2.10 22.14
C ASP B 421 19.23 0.72 22.82
N VAL B 422 18.03 0.14 22.77
CA VAL B 422 17.75 -1.17 23.37
C VAL B 422 17.64 -2.24 22.28
N PRO B 423 18.59 -3.18 22.23
CA PRO B 423 18.52 -4.29 21.28
C PRO B 423 17.52 -5.37 21.68
N CYS B 424 16.75 -5.83 20.69
CA CYS B 424 15.69 -6.83 20.83
C CYS B 424 15.74 -7.84 19.69
N ILE B 425 15.21 -9.03 19.96
CA ILE B 425 14.96 -10.03 18.93
C ILE B 425 13.47 -10.44 19.02
N GLY B 426 12.84 -10.46 17.85
CA GLY B 426 11.48 -10.95 17.66
C GLY B 426 11.43 -12.30 16.95
N ILE B 427 10.39 -13.06 17.27
CA ILE B 427 10.23 -14.44 16.81
C ILE B 427 8.83 -14.64 16.26
N GLU B 428 8.75 -15.09 15.01
CA GLU B 428 7.50 -15.51 14.39
C GLU B 428 7.15 -16.92 14.86
N MET B 429 5.99 -17.09 15.47
CA MET B 429 5.55 -18.39 15.95
C MET B 429 4.35 -18.81 15.11
N VAL B 430 4.60 -19.59 14.05
CA VAL B 430 3.55 -19.94 13.09
C VAL B 430 2.62 -21.02 13.62
N HIS B 431 1.32 -20.80 13.39
CA HIS B 431 0.28 -21.77 13.65
C HIS B 431 0.12 -22.55 12.35
N ASP B 432 0.71 -23.75 12.30
CA ASP B 432 0.67 -24.57 11.10
C ASP B 432 -0.12 -25.87 11.33
N GLY B 433 -1.30 -25.95 10.71
CA GLY B 433 -2.10 -27.17 10.70
C GLY B 433 -2.21 -27.74 9.29
N GLY B 434 -1.33 -27.30 8.39
CA GLY B 434 -1.35 -27.75 7.00
C GLY B 434 -2.29 -26.95 6.12
N LYS B 435 -2.39 -27.34 4.86
CA LYS B 435 -3.13 -26.56 3.86
C LYS B 435 -4.66 -26.61 3.94
N GLU B 436 -5.21 -27.51 4.74
CA GLU B 436 -6.66 -27.65 4.83
C GLU B 436 -7.28 -26.74 5.90
N THR B 437 -6.45 -25.93 6.55
CA THR B 437 -6.97 -24.95 7.52
C THR B 437 -6.26 -23.63 7.36
N TRP B 438 -6.53 -22.69 8.25
CA TRP B 438 -5.84 -21.40 8.25
C TRP B 438 -4.37 -21.55 8.68
N HIS B 439 -3.57 -20.57 8.30
CA HIS B 439 -2.12 -20.58 8.52
C HIS B 439 -1.68 -19.15 8.83
N SER B 440 -1.22 -18.89 10.05
CA SER B 440 -0.86 -17.53 10.45
C SER B 440 0.22 -17.60 11.54
N ALA B 441 0.43 -16.52 12.28
CA ALA B 441 1.51 -16.48 13.29
C ALA B 441 1.28 -15.47 14.42
N ALA B 442 1.86 -15.80 15.57
CA ALA B 442 2.07 -14.87 16.67
C ALA B 442 3.51 -14.33 16.59
N THR B 443 3.78 -13.26 17.36
CA THR B 443 5.09 -12.61 17.41
C THR B 443 5.50 -12.50 18.88
N ALA B 444 6.65 -13.08 19.23
CA ALA B 444 7.23 -12.95 20.58
C ALA B 444 8.41 -12.00 20.57
N ILE B 445 8.59 -11.22 21.65
CA ILE B 445 9.66 -10.24 21.72
C ILE B 445 10.48 -10.45 22.99
N TYR B 446 11.81 -10.51 22.80
CA TYR B 446 12.80 -10.55 23.87
C TYR B 446 13.74 -9.36 23.70
N CYS B 447 14.08 -8.69 24.79
CA CYS B 447 15.00 -7.55 24.72
C CYS B 447 16.05 -7.60 25.81
N LEU B 448 17.19 -6.97 25.50
CA LEU B 448 18.23 -6.74 26.50
C LEU B 448 17.62 -6.00 27.67
N MET B 449 17.74 -6.57 28.88
CA MET B 449 17.22 -5.88 30.07
C MET B 449 17.81 -6.46 31.36
N GLY B 450 18.49 -5.59 32.08
CA GLY B 450 19.12 -5.96 33.32
C GLY B 450 20.24 -6.98 33.17
N SER B 451 20.49 -7.70 34.25
CA SER B 451 21.60 -8.63 34.38
C SER B 451 21.13 -10.04 34.68
N GLY B 452 22.06 -11.00 34.65
CA GLY B 452 21.75 -12.38 35.05
C GLY B 452 21.57 -13.29 33.85
N GLN B 453 20.53 -14.13 33.92
CA GLN B 453 20.19 -15.06 32.83
C GLN B 453 18.75 -14.90 32.41
N LEU B 454 18.48 -15.29 31.17
CA LEU B 454 17.13 -15.29 30.61
C LEU B 454 16.26 -16.28 31.37
N LEU B 455 15.11 -15.82 31.86
CA LEU B 455 14.34 -16.54 32.84
C LEU B 455 13.09 -17.28 32.37
N TRP B 456 12.41 -16.84 31.30
CA TRP B 456 11.17 -17.53 30.90
C TRP B 456 10.95 -17.59 29.39
N ASP B 457 10.24 -18.64 28.99
CA ASP B 457 9.94 -18.91 27.59
C ASP B 457 8.53 -18.45 27.22
N THR B 458 8.21 -18.56 25.93
CA THR B 458 6.98 -18.05 25.37
C THR B 458 6.18 -19.18 24.68
N VAL B 459 4.85 -19.18 24.91
CA VAL B 459 3.89 -20.05 24.23
C VAL B 459 2.84 -19.17 23.52
N THR B 460 2.25 -19.64 22.41
CA THR B 460 1.24 -18.82 21.75
C THR B 460 -0.12 -18.90 22.44
N GLY B 461 -0.38 -20.03 23.08
CA GLY B 461 -1.65 -20.30 23.77
C GLY B 461 -2.80 -20.69 22.86
N VAL B 462 -2.53 -20.91 21.57
CA VAL B 462 -3.57 -21.11 20.58
C VAL B 462 -3.84 -22.59 20.28
N ASP B 463 -5.13 -22.93 20.33
CA ASP B 463 -5.61 -24.24 19.92
C ASP B 463 -6.23 -24.04 18.55
N MET B 464 -5.58 -24.58 17.52
CA MET B 464 -6.03 -24.33 16.15
C MET B 464 -7.40 -24.90 15.83
N ALA B 465 -7.94 -25.75 16.70
CA ALA B 465 -9.25 -26.35 16.47
C ALA B 465 -10.43 -25.42 16.75
N LEU B 466 -10.20 -24.32 17.49
CA LEU B 466 -11.29 -23.49 17.99
C LEU B 466 -11.72 -22.43 17.00
C1 NAG C . 2.71 27.04 -9.06
C2 NAG C . 4.03 26.30 -9.20
C3 NAG C . 4.74 26.07 -7.86
C4 NAG C . 4.75 27.35 -7.04
C5 NAG C . 3.34 27.89 -6.93
C6 NAG C . 3.27 29.20 -6.12
C7 NAG C . 4.01 24.83 -11.16
C8 NAG C . 3.65 23.50 -11.74
N2 NAG C . 3.74 25.05 -9.88
O3 NAG C . 6.09 25.70 -8.09
O4 NAG C . 5.27 27.09 -5.76
O5 NAG C . 2.85 28.17 -8.22
O6 NAG C . 4.10 30.16 -6.71
O7 NAG C . 4.56 25.67 -11.88
C1 NAG C . 6.51 27.82 -5.50
C2 NAG C . 6.72 27.90 -3.98
C3 NAG C . 8.11 28.43 -3.63
C4 NAG C . 9.22 27.78 -4.45
C5 NAG C . 8.85 27.84 -5.93
C6 NAG C . 9.92 27.19 -6.81
C7 NAG C . 4.73 28.31 -2.58
C8 NAG C . 3.84 29.32 -1.91
N2 NAG C . 5.77 28.76 -3.29
O3 NAG C . 8.32 28.22 -2.25
O4 NAG C . 10.42 28.49 -4.20
O5 NAG C . 7.61 27.18 -6.12
O6 NAG C . 9.85 25.78 -6.71
O7 NAG C . 4.48 27.11 -2.45
C1 NAG D . 27.41 8.08 15.70
C2 NAG D . 27.53 7.93 17.21
C3 NAG D . 26.60 8.87 17.96
C4 NAG D . 26.61 10.27 17.35
C5 NAG D . 26.38 10.18 15.83
C6 NAG D . 26.33 11.56 15.16
C7 NAG D . 28.09 5.68 18.11
C8 NAG D . 29.45 6.13 18.54
N2 NAG D . 27.25 6.55 17.52
O3 NAG D . 27.04 8.93 19.31
O4 NAG D . 25.61 11.07 17.93
O5 NAG D . 27.43 9.43 15.26
O6 NAG D . 27.57 12.21 15.32
O7 NAG D . 27.75 4.52 18.32
C1 NAG D . 26.14 12.20 18.64
C2 NAG D . 25.00 13.19 18.93
C3 NAG D . 25.52 14.43 19.65
C4 NAG D . 26.23 13.98 20.92
C5 NAG D . 27.29 12.92 20.59
C6 NAG D . 27.94 12.35 21.84
C7 NAG D . 23.18 12.90 17.27
C8 NAG D . 22.74 11.60 17.89
N2 NAG D . 24.23 13.59 17.75
O3 NAG D . 24.43 15.25 19.99
O4 NAG D . 26.83 15.12 21.54
O5 NAG D . 26.71 11.83 19.88
O6 NAG D . 26.98 11.72 22.66
O7 NAG D . 22.58 13.31 16.29
CA CA E . -21.84 7.89 -23.29
C1 NAG F . -37.25 -4.95 -1.49
C2 NAG F . -38.23 -6.12 -1.36
C3 NAG F . -39.33 -6.02 -2.40
C4 NAG F . -39.97 -4.64 -2.41
C5 NAG F . -38.88 -3.56 -2.50
C6 NAG F . -39.47 -2.14 -2.47
C7 NAG F . -37.51 -8.33 -0.53
C8 NAG F . -36.72 -9.58 -0.82
N2 NAG F . -37.51 -7.38 -1.48
O3 NAG F . -40.31 -7.00 -2.13
O4 NAG F . -40.83 -4.51 -3.52
O5 NAG F . -37.97 -3.73 -1.43
O6 NAG F . -40.02 -1.91 -1.20
O7 NAG F . -38.12 -8.25 0.54
C1 G39 G . -23.79 4.63 -12.66
O1A G39 G . -23.25 3.65 -12.11
O1B G39 G . -23.82 4.73 -13.91
C2 G39 G . -24.39 5.73 -11.86
C3 G39 G . -24.28 5.70 -10.35
C4 G39 G . -24.36 7.12 -9.76
C5 G39 G . -25.58 7.87 -10.32
N5 G39 G . -25.69 9.20 -9.73
C10 G39 G . -26.74 9.68 -9.04
O10 G39 G . -27.77 9.08 -8.85
C11 G39 G . -26.60 11.06 -8.51
C6 G39 G . -25.46 8.03 -11.81
C7 G39 G . -24.97 6.76 -12.50
O7 G39 G . -26.73 8.41 -12.34
C8 G39 G . -26.74 9.61 -13.13
C9 G39 G . -26.36 9.33 -14.59
C81 G39 G . -28.12 10.24 -13.04
C82 G39 G . -29.22 9.22 -12.79
C91 G39 G . -27.05 8.07 -15.09
N4 G39 G . -24.45 7.04 -8.31
C1 EDO H . 5.05 3.42 -19.72
O1 EDO H . 5.31 2.03 -19.99
C2 EDO H . 4.38 4.10 -20.91
O2 EDO H . 3.11 3.49 -21.20
C1 EDO I . 0.67 13.48 2.48
O1 EDO I . 1.86 13.07 1.85
C2 EDO I . -0.51 13.06 1.60
O2 EDO I . -0.49 13.85 0.43
C1 EDO J . -30.33 0.43 1.66
O1 EDO J . -30.32 -0.24 2.93
C2 EDO J . -30.82 1.86 1.83
O2 EDO J . -32.21 1.81 2.12
C1 EDO K . -15.18 22.99 15.41
O1 EDO K . -15.62 23.62 14.22
C2 EDO K . -16.40 22.61 16.26
O2 EDO K . -17.07 23.78 16.74
C1 EDO L . -25.37 28.94 -19.56
O1 EDO L . -24.43 29.58 -20.44
C2 EDO L . -25.55 29.76 -18.28
O2 EDO L . -26.71 29.30 -17.58
C1 EDO M . -22.25 35.74 -5.50
O1 EDO M . -21.70 36.61 -6.50
C2 EDO M . -21.45 34.45 -5.46
O2 EDO M . -21.99 33.54 -6.43
C1 EDO N . -27.23 1.88 -30.94
O1 EDO N . -25.97 1.35 -31.36
C2 EDO N . -27.04 2.90 -29.84
O2 EDO N . -26.39 4.10 -30.33
C1 EDO O . -25.81 -9.87 -12.44
O1 EDO O . -26.62 -10.46 -11.42
C2 EDO O . -25.90 -8.36 -12.29
O2 EDO O . -27.26 -7.96 -12.40
C1 EDO P . -30.63 17.38 -28.99
O1 EDO P . -31.31 18.48 -29.62
C2 EDO P . -29.45 17.88 -28.18
O2 EDO P . -29.90 18.09 -26.84
C1 EDO Q . -26.10 0.24 -8.72
O1 EDO Q . -24.72 0.47 -8.90
C2 EDO Q . -26.77 1.58 -8.47
O2 EDO Q . -26.23 2.58 -9.35
C1 EDO R . -27.86 32.14 -14.46
O1 EDO R . -28.93 31.97 -15.41
C2 EDO R . -26.94 33.28 -14.88
O2 EDO R . -27.00 34.35 -13.92
CA CA S . 20.62 -23.47 4.24
C1 NAG T . -7.91 -23.42 -3.34
C2 NAG T . -6.89 -23.65 -4.46
C3 NAG T . -7.55 -24.17 -5.72
C4 NAG T . -8.58 -25.28 -5.45
C5 NAG T . -9.42 -24.96 -4.22
C6 NAG T . -10.29 -26.11 -3.73
C7 NAG T . -4.96 -22.14 -4.12
C8 NAG T . -4.26 -20.91 -4.60
N2 NAG T . -6.09 -22.47 -4.78
O3 NAG T . -6.53 -24.65 -6.58
O4 NAG T . -9.43 -25.42 -6.57
O5 NAG T . -8.51 -24.68 -3.20
O6 NAG T . -10.81 -25.77 -2.46
O7 NAG T . -4.52 -22.76 -3.15
C1 G39 U . 9.93 -19.90 4.18
O1A G39 U . 9.11 -19.95 5.14
O1B G39 U . 10.96 -20.63 4.16
C2 G39 U . 9.71 -18.96 3.07
C3 G39 U . 8.60 -17.93 3.19
C4 G39 U . 8.89 -16.68 2.36
C5 G39 U . 9.32 -17.00 0.93
N5 G39 U . 9.57 -15.77 0.21
C10 G39 U . 8.88 -15.38 -0.90
O10 G39 U . 8.02 -16.06 -1.42
C11 G39 U . 9.23 -14.03 -1.45
C6 G39 U . 10.61 -17.83 0.99
C7 G39 U . 10.58 -18.93 2.04
O7 G39 U . 10.84 -18.41 -0.29
C8 G39 U . 12.04 -17.95 -0.90
C9 G39 U . 13.24 -18.69 -0.30
C81 G39 U . 12.01 -18.12 -2.42
C82 G39 U . 11.17 -19.30 -2.88
C91 G39 U . 13.01 -20.17 -0.18
N4 G39 U . 7.71 -15.85 2.34
C1 EDO V . 1.43 5.21 5.01
O1 EDO V . 1.80 4.02 4.30
C2 EDO V . -0.03 5.14 5.43
O2 EDO V . -0.19 5.87 6.64
C1 EDO W . -5.75 -16.45 0.71
O1 EDO W . -7.07 -15.97 1.02
C2 EDO W . -5.16 -15.67 -0.47
O2 EDO W . -5.87 -15.91 -1.69
C1 EDO X . 22.37 5.30 29.77
O1 EDO X . 21.37 6.11 29.13
C2 EDO X . 21.96 5.05 31.20
O2 EDO X . 20.93 5.98 31.51
C1 EDO Y . 25.64 -12.76 33.28
O1 EDO Y . 26.97 -12.72 33.88
C2 EDO Y . 25.12 -11.39 32.86
O2 EDO Y . 24.88 -10.51 33.97
C1 EDO Z . 24.20 -13.90 28.25
O1 EDO Z . 24.70 -15.23 28.03
C2 EDO Z . 23.59 -13.70 29.64
O2 EDO Z . 23.09 -14.91 30.23
C1 EDO AA . 33.02 -25.85 20.36
O1 EDO AA . 32.43 -25.33 19.15
C2 EDO AA . 34.23 -25.00 20.76
O2 EDO AA . 33.82 -23.66 21.12
#